data_4RM0
#
_entry.id   4RM0
#
_cell.length_a   54.851
_cell.length_b   84.158
_cell.length_c   124.742
_cell.angle_alpha   90.00
_cell.angle_beta   90.00
_cell.angle_gamma   90.00
#
_symmetry.space_group_name_H-M   'P 21 21 21'
#
loop_
_entity.id
_entity.type
_entity.pdbx_description
1 polymer 'Capsid protein'
2 branched beta-D-galactopyranose-(1-3)-[alpha-L-fucopyranose-(1-4)]2-acetamido-2-deoxy-beta-D-glucopyranose
3 branched beta-D-galactopyranose-(1-3)-[alpha-L-fucopyranose-(1-4)]2-acetamido-2-deoxy-alpha-D-glucopyranose
4 water water
#
_entity_poly.entity_id   1
_entity_poly.type   'polypeptide(L)'
_entity_poly.pdbx_seq_one_letter_code
;GPLGSPEFSKTKPFTLPILTIGELTNSRFPAPIDQLYTSPNADVVVQPQNGRCSLDGELQGTTQLLTTAICSYRGMTSNP
TRDYWDGHLLHLVHPNGATYDPTEDVPAPFGTQDFRGILYGVLTQNPRASGDEAANSQGVYISSTSEKFTPKLGTIGLHQ
VQGNIASNQQSKFTPVGIAVNGNTPFRQWELPNYSGALTLNTNLAPAVGPNFPGEQILFFRSNVPSVQGGQPIEIDCLIP
QEWVSHFYQESAPSQSDVALVRYVNPDTGRTIFEAKLHRQGFITIAATGSNPVVVPPNGYFRFDSWVNQFYALAPM
;
_entity_poly.pdbx_strand_id   A,B
#
loop_
_chem_comp.id
_chem_comp.type
_chem_comp.name
_chem_comp.formula
FUC L-saccharide, alpha linking alpha-L-fucopyranose 'C6 H12 O5'
GAL D-saccharide, beta linking beta-D-galactopyranose 'C6 H12 O6'
NAG D-saccharide, beta linking 2-acetamido-2-deoxy-beta-D-glucopyranose 'C8 H15 N O6'
NDG D-saccharide, alpha linking 2-acetamido-2-deoxy-alpha-D-glucopyranose 'C8 H15 N O6'
#
# COMPACT_ATOMS: atom_id res chain seq x y z
N LYS A 10 3.99 26.50 22.00
CA LYS A 10 2.97 25.58 21.53
C LYS A 10 2.95 25.54 19.99
N THR A 11 3.87 26.28 19.36
CA THR A 11 4.00 26.20 17.91
C THR A 11 4.59 24.84 17.49
N LYS A 12 3.79 24.06 16.78
CA LYS A 12 4.21 22.73 16.31
C LYS A 12 5.35 22.85 15.30
N PRO A 13 6.54 22.34 15.66
CA PRO A 13 7.67 22.40 14.74
C PRO A 13 7.44 21.46 13.57
N PHE A 14 7.90 21.88 12.38
CA PHE A 14 7.86 21.01 11.21
C PHE A 14 8.98 19.96 11.22
N THR A 15 8.62 18.72 10.89
CA THR A 15 9.58 17.62 10.78
C THR A 15 9.30 16.74 9.58
N LEU A 16 10.29 15.94 9.19
CA LEU A 16 10.13 14.91 8.19
C LEU A 16 10.30 13.57 8.91
N PRO A 17 9.67 12.51 8.40
CA PRO A 17 9.83 11.21 9.07
C PRO A 17 11.25 10.64 8.92
N ILE A 18 11.66 9.82 9.88
CA ILE A 18 12.96 9.18 9.77
C ILE A 18 12.78 7.87 9.02
N LEU A 19 12.88 7.96 7.69
CA LEU A 19 12.72 6.82 6.79
C LEU A 19 13.75 6.94 5.69
N THR A 20 14.54 5.90 5.53
CA THR A 20 15.57 5.89 4.50
C THR A 20 14.93 5.63 3.14
N ILE A 21 15.73 5.70 2.08
CA ILE A 21 15.19 5.56 0.75
C ILE A 21 14.50 4.21 0.56
N GLY A 22 14.99 3.17 1.24
CA GLY A 22 14.37 1.85 1.15
C GLY A 22 13.17 1.63 2.07
N GLU A 23 12.70 2.70 2.70
CA GLU A 23 11.55 2.63 3.58
C GLU A 23 10.47 3.62 3.13
N LEU A 24 10.48 3.95 1.84
CA LEU A 24 9.52 4.92 1.31
C LEU A 24 8.68 4.35 0.17
N THR A 25 7.45 4.82 0.05
CA THR A 25 6.52 4.35 -0.96
C THR A 25 6.20 5.46 -1.95
N ASN A 26 6.14 5.12 -3.23
CA ASN A 26 5.70 6.07 -4.24
C ASN A 26 4.26 6.49 -3.96
N SER A 27 3.99 7.79 -4.08
CA SER A 27 2.67 8.32 -3.84
C SER A 27 1.81 8.36 -5.11
N ARG A 28 2.40 8.01 -6.26
CA ARG A 28 1.65 8.01 -7.53
C ARG A 28 1.40 6.62 -8.10
N PHE A 29 2.02 5.60 -7.51
CA PHE A 29 1.78 4.21 -7.89
C PHE A 29 2.24 3.37 -6.72
N PRO A 30 1.49 2.31 -6.37
CA PRO A 30 1.84 1.53 -5.17
C PRO A 30 3.07 0.68 -5.39
N ALA A 31 4.22 1.28 -5.13
CA ALA A 31 5.51 0.60 -5.28
C ALA A 31 6.56 1.32 -4.41
N PRO A 32 7.58 0.59 -3.97
CA PRO A 32 8.61 1.26 -3.15
C PRO A 32 9.43 2.24 -3.98
N ILE A 33 9.93 3.27 -3.33
CA ILE A 33 10.90 4.17 -3.98
C ILE A 33 12.21 3.43 -4.20
N ASP A 34 12.76 3.56 -5.41
CA ASP A 34 14.00 2.90 -5.83
C ASP A 34 15.17 3.85 -5.92
N GLN A 35 14.90 5.10 -6.25
CA GLN A 35 15.96 6.06 -6.56
C GLN A 35 15.49 7.46 -6.26
N LEU A 36 16.44 8.37 -6.06
CA LEU A 36 16.17 9.80 -6.17
C LEU A 36 16.59 10.19 -7.58
N TYR A 37 15.81 11.04 -8.24
CA TYR A 37 16.04 11.35 -9.64
C TYR A 37 15.75 12.82 -9.95
N THR A 38 16.60 13.46 -10.74
CA THR A 38 16.36 14.84 -11.12
C THR A 38 16.36 15.06 -12.63
N SER A 39 15.57 16.02 -13.09
CA SER A 39 15.42 16.33 -14.52
C SER A 39 15.00 17.78 -14.72
N PRO A 40 15.40 18.38 -15.85
CA PRO A 40 14.88 19.71 -16.20
C PRO A 40 13.42 19.60 -16.66
N ASN A 41 13.02 18.41 -17.10
CA ASN A 41 11.68 18.21 -17.63
C ASN A 41 11.23 19.34 -18.57
N ALA A 42 12.05 19.61 -19.57
CA ALA A 42 11.64 20.58 -20.57
C ALA A 42 10.51 19.96 -21.39
N ASP A 43 9.59 20.82 -21.82
CA ASP A 43 8.51 20.43 -22.71
C ASP A 43 7.32 19.80 -21.98
N VAL A 44 7.42 19.64 -20.66
CA VAL A 44 6.28 19.13 -19.89
C VAL A 44 5.83 20.05 -18.76
N VAL A 45 4.57 19.92 -18.38
CA VAL A 45 4.06 20.59 -17.19
C VAL A 45 3.98 19.54 -16.09
N VAL A 46 4.76 19.71 -15.03
CA VAL A 46 4.76 18.78 -13.93
C VAL A 46 3.62 19.14 -12.98
N GLN A 47 2.51 18.44 -13.08
CA GLN A 47 1.33 18.75 -12.29
C GLN A 47 0.59 17.47 -11.84
N PRO A 48 1.32 16.54 -11.21
CA PRO A 48 0.69 15.30 -10.73
C PRO A 48 -0.42 15.61 -9.72
N GLN A 49 -1.37 14.69 -9.56
CA GLN A 49 -2.52 14.93 -8.69
C GLN A 49 -2.54 13.97 -7.50
N ASN A 50 -1.81 12.87 -7.65
CA ASN A 50 -1.53 12.00 -6.50
C ASN A 50 -0.19 12.35 -5.88
N GLY A 51 -0.02 12.07 -4.60
CA GLY A 51 1.18 12.51 -3.90
C GLY A 51 1.29 14.03 -3.80
N ARG A 52 0.16 14.69 -3.58
CA ARG A 52 0.13 16.14 -3.43
C ARG A 52 -0.33 16.47 -2.02
N CYS A 53 0.55 17.09 -1.23
CA CYS A 53 0.21 17.51 0.11
C CYS A 53 1.12 18.67 0.51
N SER A 54 0.51 19.75 1.01
CA SER A 54 1.27 20.91 1.45
C SER A 54 2.02 20.53 2.72
N LEU A 55 3.07 21.26 3.03
CA LEU A 55 3.87 20.93 4.21
C LEU A 55 3.09 21.04 5.51
N ASP A 56 2.00 21.82 5.51
CA ASP A 56 1.15 21.96 6.70
C ASP A 56 0.01 20.96 6.75
N GLY A 57 0.02 19.99 5.85
CA GLY A 57 -0.84 18.84 5.98
C GLY A 57 -2.14 18.86 5.19
N GLU A 58 -2.27 19.82 4.29
CA GLU A 58 -3.44 19.85 3.40
C GLU A 58 -3.29 18.95 2.17
N LEU A 59 -4.07 17.88 2.12
CA LEU A 59 -4.13 17.02 0.94
C LEU A 59 -4.73 17.79 -0.24
N GLN A 60 -4.19 17.57 -1.43
CA GLN A 60 -4.66 18.28 -2.63
C GLN A 60 -4.82 17.35 -3.83
N GLY A 61 -5.48 17.84 -4.88
CA GLY A 61 -5.73 17.02 -6.06
C GLY A 61 -6.58 15.80 -5.71
N THR A 62 -6.18 14.65 -6.21
CA THR A 62 -6.86 13.39 -5.92
C THR A 62 -6.17 12.62 -4.79
N THR A 63 -5.37 13.32 -3.99
CA THR A 63 -4.54 12.65 -2.99
C THR A 63 -5.30 12.20 -1.74
N GLN A 64 -5.05 10.98 -1.31
CA GLN A 64 -5.63 10.47 -0.07
C GLN A 64 -4.53 9.70 0.69
N LEU A 65 -4.89 8.99 1.75
CA LEU A 65 -3.87 8.55 2.73
C LEU A 65 -3.34 7.12 2.56
N LEU A 66 -4.11 6.25 1.94
CA LEU A 66 -3.74 4.84 1.86
C LEU A 66 -2.95 4.52 0.60
N THR A 67 -1.90 3.72 0.76
CA THR A 67 -1.16 3.20 -0.37
C THR A 67 -2.06 2.38 -1.28
N THR A 68 -2.96 1.61 -0.66
CA THR A 68 -3.85 0.68 -1.37
C THR A 68 -4.88 1.37 -2.25
N ALA A 69 -5.11 2.66 -2.05
CA ALA A 69 -6.07 3.40 -2.88
C ALA A 69 -5.44 4.12 -4.08
N ILE A 70 -4.11 4.21 -4.12
CA ILE A 70 -3.45 4.87 -5.25
C ILE A 70 -3.60 4.05 -6.53
N CYS A 71 -4.14 4.67 -7.58
CA CYS A 71 -4.44 3.96 -8.82
C CYS A 71 -5.38 2.77 -8.65
N SER A 72 -6.22 2.82 -7.62
CA SER A 72 -7.25 1.80 -7.49
C SER A 72 -8.59 2.43 -7.82
N TYR A 73 -9.56 1.59 -8.20
CA TYR A 73 -10.91 2.05 -8.45
C TYR A 73 -11.87 1.13 -7.76
N ARG A 74 -13.08 1.64 -7.52
CA ARG A 74 -14.13 0.88 -6.86
C ARG A 74 -15.47 1.40 -7.38
N GLY A 75 -16.46 0.54 -7.52
CA GLY A 75 -17.76 0.95 -8.01
C GLY A 75 -18.57 -0.18 -8.61
N MET A 76 -19.53 0.19 -9.45
CA MET A 76 -20.42 -0.79 -10.09
C MET A 76 -20.14 -0.80 -11.57
N THR A 77 -19.97 -1.99 -12.15
CA THR A 77 -20.04 -2.11 -13.60
C THR A 77 -21.51 -2.00 -13.96
N SER A 78 -21.79 -1.62 -15.20
CA SER A 78 -23.17 -1.67 -15.69
C SER A 78 -23.28 -2.67 -16.83
N ASN A 79 -23.99 -2.34 -17.90
CA ASN A 79 -24.22 -3.32 -18.97
C ASN A 79 -23.10 -3.31 -20.02
N PRO A 80 -22.98 -4.39 -20.80
CA PRO A 80 -21.98 -4.40 -21.87
C PRO A 80 -22.14 -3.21 -22.82
N THR A 81 -21.04 -2.57 -23.21
CA THR A 81 -21.11 -1.37 -24.04
C THR A 81 -21.08 -1.74 -25.52
N ARG A 82 -20.71 -2.98 -25.82
CA ARG A 82 -20.48 -3.43 -27.20
C ARG A 82 -19.35 -2.64 -27.88
N ASP A 83 -18.70 -1.77 -27.13
CA ASP A 83 -17.56 -1.03 -27.65
C ASP A 83 -16.33 -1.95 -27.73
N TYR A 84 -15.50 -1.75 -28.74
CA TYR A 84 -14.33 -2.61 -28.97
C TYR A 84 -13.35 -2.67 -27.80
N TRP A 85 -12.99 -1.51 -27.26
CA TRP A 85 -11.98 -1.41 -26.22
C TRP A 85 -12.61 -1.50 -24.84
N ASP A 86 -13.38 -0.48 -24.46
CA ASP A 86 -14.02 -0.46 -23.15
C ASP A 86 -15.32 -1.23 -23.14
N GLY A 87 -15.22 -2.55 -23.00
CA GLY A 87 -16.38 -3.42 -23.03
C GLY A 87 -17.33 -3.24 -21.86
N HIS A 88 -16.83 -2.66 -20.77
CA HIS A 88 -17.68 -2.31 -19.63
C HIS A 88 -17.30 -0.94 -19.09
N LEU A 89 -18.22 -0.31 -18.38
CA LEU A 89 -17.92 0.94 -17.72
C LEU A 89 -17.92 0.68 -16.22
N LEU A 90 -17.11 1.44 -15.49
CA LEU A 90 -17.15 1.35 -14.02
C LEU A 90 -17.69 2.67 -13.47
N HIS A 91 -18.76 2.59 -12.69
CA HIS A 91 -19.36 3.78 -12.07
C HIS A 91 -18.77 3.92 -10.68
N LEU A 92 -17.94 4.95 -10.51
CA LEU A 92 -17.04 5.08 -9.36
C LEU A 92 -17.66 5.59 -8.08
N VAL A 93 -17.14 5.08 -6.97
CA VAL A 93 -17.26 5.69 -5.66
C VAL A 93 -15.81 5.97 -5.23
N HIS A 94 -15.57 6.70 -4.15
CA HIS A 94 -14.19 6.87 -3.70
C HIS A 94 -13.65 5.49 -3.26
N PRO A 95 -12.31 5.34 -3.20
CA PRO A 95 -11.72 4.06 -2.78
C PRO A 95 -12.16 3.59 -1.40
N ASN A 96 -12.47 4.52 -0.50
CA ASN A 96 -12.94 4.16 0.84
C ASN A 96 -14.41 3.76 0.85
N GLY A 97 -15.06 3.82 -0.31
CA GLY A 97 -16.45 3.41 -0.42
C GLY A 97 -17.45 4.57 -0.33
N ALA A 98 -16.96 5.76 0.01
CA ALA A 98 -17.83 6.93 0.04
C ALA A 98 -18.41 7.19 -1.36
N THR A 99 -19.71 7.44 -1.41
CA THR A 99 -20.37 7.84 -2.65
C THR A 99 -19.68 9.05 -3.26
N TYR A 100 -19.49 9.03 -4.58
CA TYR A 100 -18.83 10.14 -5.28
C TYR A 100 -19.83 10.96 -6.05
N ASP A 101 -19.77 12.27 -5.86
CA ASP A 101 -20.58 13.17 -6.67
C ASP A 101 -19.70 14.15 -7.45
N PRO A 102 -19.90 14.22 -8.77
CA PRO A 102 -19.07 15.02 -9.66
C PRO A 102 -18.97 16.50 -9.27
N THR A 103 -19.91 17.00 -8.46
CA THR A 103 -19.83 18.39 -8.05
C THR A 103 -18.90 18.60 -6.84
N GLU A 104 -18.30 17.52 -6.33
CA GLU A 104 -17.28 17.66 -5.29
C GLU A 104 -16.11 18.49 -5.84
N ASP A 105 -15.46 19.26 -4.97
CA ASP A 105 -14.32 20.08 -5.36
C ASP A 105 -13.04 19.26 -5.52
N VAL A 106 -13.09 18.26 -6.41
CA VAL A 106 -11.93 17.42 -6.67
C VAL A 106 -11.80 17.25 -8.17
N PRO A 107 -10.60 16.88 -8.66
CA PRO A 107 -10.43 16.65 -10.10
C PRO A 107 -11.16 15.37 -10.53
N ALA A 108 -11.29 14.45 -9.60
CA ALA A 108 -11.77 13.10 -9.85
C ALA A 108 -11.77 12.39 -8.50
N PRO A 109 -12.34 11.18 -8.42
CA PRO A 109 -12.32 10.48 -7.12
C PRO A 109 -10.89 10.29 -6.63
N PHE A 110 -10.69 10.20 -5.32
CA PHE A 110 -9.34 10.08 -4.79
C PHE A 110 -8.65 8.84 -5.33
N GLY A 111 -7.38 9.00 -5.68
CA GLY A 111 -6.56 7.91 -6.12
C GLY A 111 -6.63 7.67 -7.60
N THR A 112 -7.53 8.39 -8.29
CA THR A 112 -7.61 8.27 -9.75
C THR A 112 -6.22 8.44 -10.38
N GLN A 113 -5.89 7.63 -11.38
CA GLN A 113 -4.59 7.75 -12.03
C GLN A 113 -4.41 9.13 -12.64
N ASP A 114 -3.18 9.63 -12.62
CA ASP A 114 -2.92 11.01 -13.00
C ASP A 114 -1.90 11.17 -14.13
N PHE A 115 -1.80 10.18 -15.00
CA PHE A 115 -0.88 10.23 -16.15
C PHE A 115 -1.67 9.82 -17.36
N ARG A 116 -1.09 10.00 -18.55
CA ARG A 116 -1.74 9.44 -19.74
C ARG A 116 -1.06 8.15 -20.08
N GLY A 117 -1.81 7.06 -19.99
CA GLY A 117 -1.25 5.75 -20.26
C GLY A 117 -2.22 4.63 -19.93
N ILE A 118 -1.80 3.39 -20.11
CA ILE A 118 -2.65 2.26 -19.76
C ILE A 118 -2.24 1.71 -18.40
N LEU A 119 -3.18 1.75 -17.47
CA LEU A 119 -2.96 1.19 -16.15
C LEU A 119 -3.52 -0.23 -16.17
N TYR A 120 -2.67 -1.20 -15.87
CA TYR A 120 -3.12 -2.60 -15.81
C TYR A 120 -3.27 -3.10 -14.39
N GLY A 121 -4.31 -3.87 -14.15
CA GLY A 121 -4.50 -4.48 -12.84
C GLY A 121 -5.61 -5.51 -12.92
N VAL A 122 -6.11 -5.93 -11.76
CA VAL A 122 -7.11 -6.98 -11.71
C VAL A 122 -8.42 -6.50 -11.09
N LEU A 123 -9.51 -6.78 -11.79
CA LEU A 123 -10.85 -6.44 -11.35
C LEU A 123 -11.41 -7.66 -10.65
N THR A 124 -11.79 -7.51 -9.39
CA THR A 124 -12.49 -8.59 -8.71
C THR A 124 -13.92 -8.13 -8.44
N GLN A 125 -14.86 -9.06 -8.53
CA GLN A 125 -16.28 -8.71 -8.50
C GLN A 125 -17.05 -9.58 -7.51
N ASN A 126 -18.27 -9.98 -7.85
CA ASN A 126 -18.99 -10.93 -7.00
C ASN A 126 -18.26 -12.27 -7.03
N PRO A 127 -17.97 -12.85 -5.85
CA PRO A 127 -17.44 -14.22 -5.87
C PRO A 127 -18.32 -15.08 -6.76
N ARG A 128 -17.72 -15.98 -7.54
CA ARG A 128 -18.47 -16.77 -8.50
C ARG A 128 -18.68 -18.21 -8.04
N ALA A 129 -19.70 -18.85 -8.59
CA ALA A 129 -19.99 -20.26 -8.29
C ALA A 129 -19.00 -21.17 -9.00
N SER A 130 -18.54 -20.74 -10.16
CA SER A 130 -17.56 -21.46 -10.96
C SER A 130 -16.45 -22.09 -10.13
N GLY A 131 -16.04 -23.30 -10.51
CA GLY A 131 -14.94 -23.95 -9.86
C GLY A 131 -13.62 -23.62 -10.53
N ASP A 132 -13.65 -22.71 -11.49
CA ASP A 132 -12.45 -22.34 -12.24
C ASP A 132 -11.46 -21.58 -11.35
N GLU A 133 -10.17 -21.86 -11.53
CA GLU A 133 -9.14 -21.04 -10.91
C GLU A 133 -9.25 -19.62 -11.46
N ALA A 134 -9.04 -18.63 -10.61
CA ALA A 134 -9.07 -17.23 -11.03
C ALA A 134 -10.40 -16.85 -11.69
N ALA A 135 -11.49 -17.45 -11.24
CA ALA A 135 -12.82 -17.22 -11.82
C ALA A 135 -13.30 -15.79 -11.61
N ASN A 136 -13.06 -15.26 -10.41
CA ASN A 136 -13.49 -13.91 -10.04
C ASN A 136 -12.31 -12.97 -10.02
N SER A 137 -11.58 -12.88 -11.12
CA SER A 137 -10.41 -12.02 -11.17
C SER A 137 -9.99 -11.85 -12.60
N GLN A 138 -10.30 -10.67 -13.14
CA GLN A 138 -10.07 -10.37 -14.55
C GLN A 138 -8.93 -9.37 -14.69
N GLY A 139 -7.96 -9.71 -15.54
CA GLY A 139 -6.97 -8.73 -15.95
C GLY A 139 -7.64 -7.65 -16.77
N VAL A 140 -7.37 -6.40 -16.43
CA VAL A 140 -8.07 -5.28 -17.06
C VAL A 140 -7.12 -4.12 -17.39
N TYR A 141 -7.35 -3.48 -18.54
CA TYR A 141 -6.62 -2.26 -18.91
C TYR A 141 -7.52 -1.05 -18.70
N ILE A 142 -7.02 -0.07 -17.98
CA ILE A 142 -7.74 1.18 -17.82
C ILE A 142 -6.93 2.29 -18.45
N SER A 143 -7.31 2.66 -19.67
CA SER A 143 -6.58 3.68 -20.42
C SER A 143 -7.08 5.08 -20.08
N SER A 144 -6.19 5.91 -19.61
CA SER A 144 -6.57 7.27 -19.28
C SER A 144 -6.58 8.17 -20.53
N THR A 145 -6.35 7.59 -21.71
CA THR A 145 -6.54 8.36 -22.96
C THR A 145 -7.84 7.98 -23.64
N SER A 146 -8.57 7.03 -23.06
CA SER A 146 -9.84 6.60 -23.63
C SER A 146 -10.86 7.72 -23.52
N GLU A 147 -11.70 7.86 -24.55
CA GLU A 147 -12.83 8.79 -24.46
C GLU A 147 -13.80 8.35 -23.35
N LYS A 148 -13.69 7.09 -22.93
CA LYS A 148 -14.55 6.60 -21.84
C LYS A 148 -13.93 6.86 -20.46
N PHE A 149 -12.72 7.39 -20.45
CA PHE A 149 -12.09 7.76 -19.18
C PHE A 149 -12.57 9.16 -18.77
N THR A 150 -13.65 9.21 -18.02
CA THR A 150 -14.21 10.49 -17.55
C THR A 150 -14.51 10.37 -16.06
N PRO A 151 -13.48 10.08 -15.25
CA PRO A 151 -13.71 9.86 -13.82
C PRO A 151 -14.35 11.05 -13.12
N LYS A 152 -14.06 12.27 -13.58
CA LYS A 152 -14.68 13.44 -12.96
C LYS A 152 -16.19 13.32 -13.01
N LEU A 153 -16.69 12.78 -14.12
CA LEU A 153 -18.13 12.62 -14.33
C LEU A 153 -18.64 11.36 -13.68
N GLY A 154 -17.74 10.58 -13.09
CA GLY A 154 -18.13 9.43 -12.29
C GLY A 154 -18.02 8.07 -12.97
N THR A 155 -17.37 8.01 -14.12
CA THR A 155 -17.31 6.74 -14.84
C THR A 155 -16.03 6.60 -15.65
N ILE A 156 -15.49 5.39 -15.71
CA ILE A 156 -14.32 5.11 -16.53
C ILE A 156 -14.57 3.85 -17.34
N GLY A 157 -13.76 3.66 -18.38
CA GLY A 157 -13.89 2.48 -19.22
C GLY A 157 -12.95 1.36 -18.80
N LEU A 158 -13.42 0.12 -18.86
CA LEU A 158 -12.59 -1.07 -18.59
C LEU A 158 -12.44 -1.90 -19.84
N HIS A 159 -11.20 -2.26 -20.16
CA HIS A 159 -10.89 -3.09 -21.31
C HIS A 159 -10.37 -4.41 -20.77
N GLN A 160 -11.17 -5.47 -20.84
CA GLN A 160 -10.71 -6.76 -20.32
C GLN A 160 -9.58 -7.34 -21.17
N VAL A 161 -8.56 -7.91 -20.52
CA VAL A 161 -7.48 -8.57 -21.23
C VAL A 161 -7.25 -10.02 -20.78
N GLN A 162 -7.70 -10.37 -19.57
CA GLN A 162 -7.67 -11.75 -19.09
C GLN A 162 -9.00 -12.03 -18.36
N GLY A 163 -9.82 -12.94 -18.90
CA GLY A 163 -11.11 -13.26 -18.31
C GLY A 163 -12.23 -12.37 -18.82
N ASN A 164 -13.42 -12.53 -18.26
CA ASN A 164 -14.59 -11.74 -18.65
C ASN A 164 -15.11 -10.90 -17.51
N ILE A 165 -15.31 -9.61 -17.76
CA ILE A 165 -15.91 -8.72 -16.75
C ILE A 165 -17.41 -8.97 -16.64
N ALA A 166 -17.90 -9.09 -15.41
CA ALA A 166 -19.31 -9.28 -15.14
C ALA A 166 -20.08 -7.97 -15.17
N SER A 167 -21.29 -7.99 -15.73
CA SER A 167 -22.14 -6.82 -15.74
C SER A 167 -22.82 -6.58 -14.41
N ASN A 168 -23.05 -5.31 -14.10
CA ASN A 168 -23.90 -4.92 -12.98
C ASN A 168 -23.46 -5.45 -11.61
N GLN A 169 -22.16 -5.44 -11.34
CA GLN A 169 -21.66 -5.93 -10.06
C GLN A 169 -20.71 -4.97 -9.34
N GLN A 170 -20.74 -5.00 -8.01
CA GLN A 170 -19.79 -4.23 -7.21
C GLN A 170 -18.40 -4.76 -7.53
N SER A 171 -17.47 -3.84 -7.78
CA SER A 171 -16.18 -4.22 -8.32
C SER A 171 -15.03 -3.46 -7.66
N LYS A 172 -13.87 -4.11 -7.62
CA LYS A 172 -12.63 -3.53 -7.13
C LYS A 172 -11.56 -3.71 -8.20
N PHE A 173 -10.84 -2.63 -8.50
CA PHE A 173 -9.66 -2.73 -9.37
C PHE A 173 -8.40 -2.58 -8.52
N THR A 174 -7.54 -3.58 -8.54
CA THR A 174 -6.26 -3.54 -7.83
C THR A 174 -5.16 -3.32 -8.87
N PRO A 175 -4.43 -2.20 -8.77
CA PRO A 175 -3.38 -1.92 -9.77
C PRO A 175 -2.19 -2.88 -9.68
N VAL A 176 -1.60 -3.18 -10.84
CA VAL A 176 -0.41 -4.02 -10.85
C VAL A 176 0.74 -3.37 -11.62
N GLY A 177 0.43 -2.74 -12.75
CA GLY A 177 1.48 -2.13 -13.55
C GLY A 177 0.99 -1.27 -14.70
N ILE A 178 1.89 -1.01 -15.64
CA ILE A 178 1.62 -0.13 -16.78
C ILE A 178 1.79 -0.93 -18.07
N ALA A 179 0.86 -0.73 -19.00
CA ALA A 179 0.96 -1.32 -20.32
C ALA A 179 1.19 -0.21 -21.35
N VAL A 180 1.96 -0.54 -22.38
CA VAL A 180 2.15 0.37 -23.50
C VAL A 180 1.82 -0.41 -24.77
N ASN A 181 0.92 0.12 -25.59
CA ASN A 181 0.63 -0.49 -26.88
C ASN A 181 1.00 0.45 -28.02
N GLY A 182 0.61 0.11 -29.24
CA GLY A 182 1.02 0.86 -30.41
C GLY A 182 0.67 2.34 -30.44
N ASN A 183 -0.39 2.73 -29.76
CA ASN A 183 -0.80 4.13 -29.80
C ASN A 183 -1.02 4.76 -28.44
N THR A 184 -0.55 4.10 -27.38
CA THR A 184 -0.66 4.64 -26.05
C THR A 184 0.66 4.54 -25.31
N PRO A 185 1.59 5.46 -25.61
CA PRO A 185 2.84 5.56 -24.84
C PRO A 185 2.51 5.98 -23.42
N PHE A 186 3.39 5.65 -22.48
CA PHE A 186 3.23 6.06 -21.10
C PHE A 186 3.80 7.47 -20.89
N ARG A 187 2.93 8.43 -20.59
CA ARG A 187 3.33 9.82 -20.39
C ARG A 187 2.98 10.26 -18.99
N GLN A 188 3.96 10.14 -18.08
CA GLN A 188 3.71 10.32 -16.65
C GLN A 188 3.38 11.76 -16.28
N TRP A 189 3.80 12.70 -17.11
CA TRP A 189 3.54 14.13 -16.84
C TRP A 189 2.42 14.74 -17.70
N GLU A 190 1.70 13.90 -18.44
CA GLU A 190 0.51 14.41 -19.12
C GLU A 190 -0.72 13.96 -18.35
N LEU A 191 -1.56 14.92 -17.96
CA LEU A 191 -2.75 14.64 -17.16
C LEU A 191 -3.85 14.03 -18.01
N PRO A 192 -4.63 13.13 -17.42
CA PRO A 192 -5.82 12.75 -18.19
C PRO A 192 -6.73 13.97 -18.32
N ASN A 193 -7.63 13.93 -19.29
CA ASN A 193 -8.74 14.88 -19.28
C ASN A 193 -9.85 14.23 -18.48
N TYR A 194 -9.92 14.55 -17.19
CA TYR A 194 -10.85 13.87 -16.29
C TYR A 194 -12.32 13.94 -16.70
N SER A 195 -12.67 14.88 -17.57
CA SER A 195 -14.04 14.99 -18.08
C SER A 195 -14.10 14.82 -19.59
N GLY A 196 -13.01 14.32 -20.19
CA GLY A 196 -12.95 14.21 -21.64
C GLY A 196 -12.37 15.46 -22.26
N ALA A 197 -11.95 15.35 -23.51
CA ALA A 197 -11.16 16.39 -24.19
C ALA A 197 -11.93 17.65 -24.57
N LEU A 198 -13.21 17.74 -24.23
CA LEU A 198 -13.94 18.96 -24.54
C LEU A 198 -14.11 19.83 -23.30
N THR A 199 -13.47 19.43 -22.21
CA THR A 199 -13.70 20.05 -20.92
C THR A 199 -12.42 20.23 -20.11
N LEU A 200 -12.27 21.38 -19.48
CA LEU A 200 -11.11 21.67 -18.64
C LEU A 200 -11.11 20.80 -17.39
N ASN A 201 -9.93 20.38 -16.95
CA ASN A 201 -9.78 19.79 -15.62
C ASN A 201 -10.08 20.82 -14.54
N THR A 202 -10.53 20.36 -13.38
CA THR A 202 -10.90 21.25 -12.29
C THR A 202 -10.19 20.89 -10.99
N ASN A 203 -10.11 21.86 -10.08
CA ASN A 203 -9.68 21.60 -8.72
C ASN A 203 -8.29 20.97 -8.62
N LEU A 204 -7.45 21.22 -9.62
CA LEU A 204 -6.09 20.63 -9.64
C LEU A 204 -5.14 21.16 -8.58
N ALA A 205 -4.33 20.28 -8.00
CA ALA A 205 -3.16 20.73 -7.28
C ALA A 205 -2.31 21.45 -8.33
N PRO A 206 -1.69 22.58 -7.96
CA PRO A 206 -1.02 23.42 -8.96
C PRO A 206 0.23 22.78 -9.58
N ALA A 207 0.56 23.19 -10.80
CA ALA A 207 1.78 22.76 -11.44
C ALA A 207 2.93 23.20 -10.55
N VAL A 208 4.06 22.49 -10.65
CA VAL A 208 5.22 22.80 -9.82
C VAL A 208 6.48 22.86 -10.67
N GLY A 209 7.47 23.58 -10.16
CA GLY A 209 8.74 23.72 -10.80
C GLY A 209 9.61 24.73 -10.07
N PRO A 210 10.87 24.77 -10.46
CA PRO A 210 11.84 25.69 -9.90
C PRO A 210 11.43 27.11 -10.18
N ASN A 211 11.53 27.95 -9.20
CA ASN A 211 11.30 29.39 -9.39
C ASN A 211 12.36 30.04 -10.22
N PHE A 212 13.50 29.42 -10.39
CA PHE A 212 14.62 30.07 -11.03
C PHE A 212 15.37 29.08 -11.88
N PRO A 213 15.93 29.54 -12.97
CA PRO A 213 16.87 28.74 -13.72
C PRO A 213 18.02 28.39 -12.80
N GLY A 214 18.60 27.23 -12.98
CA GLY A 214 19.66 26.77 -12.10
C GLY A 214 19.14 25.68 -11.18
N GLU A 215 17.83 25.66 -10.93
CA GLU A 215 17.25 24.63 -10.06
C GLU A 215 16.45 23.61 -10.86
N GLN A 216 16.34 22.40 -10.33
CA GLN A 216 15.52 21.36 -10.93
C GLN A 216 14.75 20.68 -9.79
N ILE A 217 13.60 20.11 -10.12
CA ILE A 217 12.90 19.29 -9.14
C ILE A 217 13.67 18.01 -8.87
N LEU A 218 13.62 17.56 -7.62
CA LEU A 218 14.19 16.28 -7.23
C LEU A 218 13.03 15.38 -6.93
N PHE A 219 12.99 14.22 -7.59
CA PHE A 219 11.86 13.30 -7.50
C PHE A 219 12.21 12.04 -6.69
N PHE A 220 11.19 11.43 -6.10
CA PHE A 220 11.31 10.09 -5.55
C PHE A 220 10.83 9.13 -6.63
N ARG A 221 11.72 8.27 -7.13
CA ARG A 221 11.43 7.47 -8.33
C ARG A 221 11.26 5.98 -8.05
N SER A 222 10.33 5.37 -8.77
CA SER A 222 10.09 3.93 -8.69
C SER A 222 10.12 3.29 -10.07
N ASN A 223 10.77 2.14 -10.17
CA ASN A 223 10.64 1.31 -11.35
C ASN A 223 9.43 0.42 -11.12
N VAL A 224 8.43 0.46 -12.01
CA VAL A 224 7.18 -0.27 -11.77
C VAL A 224 6.92 -1.32 -12.85
N PRO A 225 6.12 -2.36 -12.56
CA PRO A 225 5.96 -3.42 -13.55
C PRO A 225 5.47 -2.91 -14.92
N SER A 226 6.07 -3.47 -15.97
CA SER A 226 5.79 -3.09 -17.35
C SER A 226 5.18 -4.32 -18.03
N VAL A 227 3.85 -4.39 -18.09
CA VAL A 227 3.18 -5.65 -18.42
C VAL A 227 2.98 -5.86 -19.91
N GLN A 228 3.14 -4.79 -20.68
CA GLN A 228 3.15 -4.89 -22.13
C GLN A 228 4.00 -3.76 -22.65
N GLY A 229 4.83 -4.03 -23.65
CA GLY A 229 5.77 -3.02 -24.12
C GLY A 229 7.19 -3.43 -23.78
N GLY A 230 8.15 -2.85 -24.46
CA GLY A 230 9.52 -3.31 -24.33
C GLY A 230 10.41 -2.60 -23.33
N GLN A 231 9.92 -1.55 -22.68
CA GLN A 231 10.79 -0.78 -21.78
C GLN A 231 10.39 -0.88 -20.32
N PRO A 232 11.37 -0.71 -19.42
CA PRO A 232 11.04 -0.55 -18.00
C PRO A 232 10.28 0.76 -17.80
N ILE A 233 9.40 0.80 -16.81
CA ILE A 233 8.54 1.97 -16.62
C ILE A 233 8.92 2.73 -15.36
N GLU A 234 9.14 4.04 -15.50
CA GLU A 234 9.56 4.87 -14.37
C GLU A 234 8.49 5.88 -13.97
N ILE A 235 8.17 5.92 -12.68
CA ILE A 235 7.21 6.88 -12.17
C ILE A 235 7.82 7.71 -11.03
N ASP A 236 7.81 9.02 -11.21
CA ASP A 236 8.37 9.97 -10.25
C ASP A 236 7.24 10.63 -9.46
N CYS A 237 7.42 10.78 -8.14
CA CYS A 237 6.48 11.53 -7.31
C CYS A 237 7.19 12.65 -6.58
N LEU A 238 6.44 13.68 -6.18
CA LEU A 238 7.00 14.87 -5.55
C LEU A 238 7.46 14.63 -4.12
N ILE A 239 6.64 13.90 -3.36
CA ILE A 239 7.01 13.43 -2.03
C ILE A 239 6.44 12.03 -1.90
N PRO A 240 7.08 11.16 -1.09
CA PRO A 240 6.56 9.80 -0.97
C PRO A 240 5.29 9.75 -0.14
N GLN A 241 4.57 8.63 -0.17
CA GLN A 241 3.29 8.52 0.51
C GLN A 241 3.45 8.72 2.03
N GLU A 242 4.54 8.23 2.61
CA GLU A 242 4.78 8.41 4.04
C GLU A 242 4.89 9.89 4.46
N TRP A 243 5.35 10.76 3.55
CA TRP A 243 5.39 12.18 3.86
C TRP A 243 3.99 12.79 3.81
N VAL A 244 3.20 12.38 2.82
CA VAL A 244 1.79 12.79 2.77
C VAL A 244 1.14 12.46 4.12
N SER A 245 1.30 11.21 4.54
CA SER A 245 0.75 10.76 5.83
C SER A 245 1.31 11.54 7.02
N HIS A 246 2.61 11.78 7.02
CA HIS A 246 3.27 12.51 8.12
C HIS A 246 2.78 13.96 8.24
N PHE A 247 2.74 14.68 7.12
CA PHE A 247 2.31 16.08 7.12
C PHE A 247 0.84 16.17 7.52
N TYR A 248 0.01 15.29 6.97
CA TYR A 248 -1.39 15.21 7.40
C TYR A 248 -1.51 15.06 8.92
N GLN A 249 -0.77 14.12 9.51
CA GLN A 249 -0.80 13.91 10.96
C GLN A 249 -0.28 15.09 11.76
N GLU A 250 0.86 15.64 11.36
CA GLU A 250 1.53 16.67 12.16
C GLU A 250 0.86 18.03 12.00
N SER A 251 0.48 18.36 10.78
CA SER A 251 -0.11 19.66 10.47
C SER A 251 0.69 20.80 11.10
N ALA A 252 2.01 20.77 10.90
CA ALA A 252 2.87 21.82 11.42
C ALA A 252 2.76 23.05 10.51
N PRO A 253 2.51 24.23 11.09
CA PRO A 253 2.38 25.44 10.26
C PRO A 253 3.68 25.79 9.54
N SER A 254 3.56 26.16 8.27
CA SER A 254 4.73 26.47 7.45
C SER A 254 5.15 27.92 7.72
N GLN A 255 6.40 28.11 8.12
CA GLN A 255 6.82 29.43 8.59
C GLN A 255 7.33 30.35 7.48
N SER A 256 7.60 29.77 6.31
CA SER A 256 7.90 30.54 5.10
C SER A 256 7.51 29.69 3.88
N ASP A 257 7.88 30.13 2.69
CA ASP A 257 7.54 29.37 1.49
C ASP A 257 8.46 28.18 1.25
N VAL A 258 9.60 28.15 1.93
CA VAL A 258 10.60 27.12 1.67
C VAL A 258 11.21 26.58 2.95
N ALA A 259 11.14 25.26 3.10
CA ALA A 259 11.84 24.57 4.17
C ALA A 259 13.18 24.06 3.65
N LEU A 260 14.26 24.62 4.19
CA LEU A 260 15.59 24.13 3.88
C LEU A 260 15.73 22.77 4.52
N VAL A 261 16.10 21.78 3.72
CA VAL A 261 16.31 20.44 4.21
C VAL A 261 17.70 19.95 3.83
N ARG A 262 18.19 18.94 4.55
CA ARG A 262 19.50 18.37 4.29
C ARG A 262 19.34 16.88 4.18
N TYR A 263 19.90 16.28 3.13
CA TYR A 263 19.99 14.82 3.13
C TYR A 263 21.18 14.49 4.00
N VAL A 264 20.92 13.88 5.15
CA VAL A 264 21.98 13.58 6.10
C VAL A 264 22.23 12.09 6.23
N ASN A 265 23.46 11.74 6.58
CA ASN A 265 23.79 10.41 7.03
C ASN A 265 23.82 10.39 8.54
N PRO A 266 22.81 9.80 9.17
CA PRO A 266 22.65 9.85 10.63
C PRO A 266 23.80 9.18 11.36
N ASP A 267 24.50 8.26 10.68
CA ASP A 267 25.59 7.54 11.30
C ASP A 267 26.80 8.47 11.49
N THR A 268 27.09 9.30 10.49
CA THR A 268 28.26 10.17 10.52
C THR A 268 27.95 11.61 10.90
N GLY A 269 26.68 12.01 10.78
CA GLY A 269 26.31 13.40 10.98
C GLY A 269 26.51 14.27 9.74
N ARG A 270 27.17 13.75 8.71
CA ARG A 270 27.50 14.56 7.53
C ARG A 270 26.28 14.85 6.63
N THR A 271 26.23 16.05 6.07
CA THR A 271 25.23 16.44 5.09
C THR A 271 25.69 16.01 3.71
N ILE A 272 24.85 15.26 3.00
CA ILE A 272 25.18 14.84 1.65
C ILE A 272 24.93 16.00 0.68
N PHE A 273 23.74 16.57 0.74
CA PHE A 273 23.41 17.78 -0.02
C PHE A 273 22.26 18.52 0.67
N GLU A 274 22.07 19.78 0.33
CA GLU A 274 20.93 20.55 0.83
C GLU A 274 19.90 20.62 -0.28
N ALA A 275 18.67 20.95 0.09
CA ALA A 275 17.64 21.11 -0.90
C ALA A 275 16.56 22.02 -0.36
N LYS A 276 15.71 22.47 -1.26
CA LYS A 276 14.61 23.35 -0.90
C LYS A 276 13.30 22.59 -0.99
N LEU A 277 12.69 22.38 0.16
CA LEU A 277 11.39 21.73 0.22
C LEU A 277 10.32 22.82 0.23
N HIS A 278 9.64 22.99 -0.91
CA HIS A 278 8.69 24.08 -1.07
C HIS A 278 7.42 23.81 -0.29
N ARG A 279 6.80 24.87 0.23
CA ARG A 279 5.57 24.74 1.01
C ARG A 279 4.47 23.97 0.25
N GLN A 280 4.49 24.05 -1.07
CA GLN A 280 3.51 23.33 -1.89
C GLN A 280 3.69 21.81 -1.86
N GLY A 281 4.84 21.35 -1.36
CA GLY A 281 5.07 19.92 -1.23
C GLY A 281 5.87 19.29 -2.37
N PHE A 282 7.02 19.87 -2.65
CA PHE A 282 7.96 19.32 -3.65
C PHE A 282 9.34 19.91 -3.41
N ILE A 283 10.37 19.27 -3.97
CA ILE A 283 11.76 19.60 -3.66
C ILE A 283 12.51 20.11 -4.89
N THR A 284 13.32 21.15 -4.71
CA THR A 284 14.25 21.53 -5.76
C THR A 284 15.69 21.51 -5.25
N ILE A 285 16.60 21.24 -6.18
CA ILE A 285 18.03 21.19 -5.88
C ILE A 285 18.70 22.00 -6.96
N ALA A 286 19.92 22.47 -6.71
CA ALA A 286 20.67 23.23 -7.72
C ALA A 286 21.40 22.22 -8.60
N ALA A 287 20.81 21.87 -9.73
CA ALA A 287 21.37 20.83 -10.57
C ALA A 287 21.00 21.04 -12.02
N THR A 288 21.71 20.36 -12.91
CA THR A 288 21.49 20.52 -14.33
C THR A 288 21.61 19.18 -15.03
N GLY A 289 20.54 18.74 -15.68
CA GLY A 289 20.56 17.50 -16.42
C GLY A 289 19.71 16.40 -15.79
N SER A 290 19.42 15.38 -16.59
CA SER A 290 18.63 14.24 -16.14
C SER A 290 19.55 13.18 -15.53
N ASN A 291 19.42 12.96 -14.24
CA ASN A 291 20.29 12.01 -13.56
C ASN A 291 19.71 11.49 -12.27
N PRO A 292 20.04 10.23 -11.92
CA PRO A 292 19.78 9.78 -10.55
C PRO A 292 20.66 10.56 -9.59
N VAL A 293 20.20 10.69 -8.34
CA VAL A 293 20.99 11.29 -7.29
C VAL A 293 21.28 10.21 -6.25
N VAL A 294 22.55 9.83 -6.14
CA VAL A 294 22.95 8.72 -5.28
C VAL A 294 23.05 9.16 -3.83
N VAL A 295 22.39 8.42 -2.94
CA VAL A 295 22.43 8.71 -1.51
C VAL A 295 22.78 7.46 -0.70
N PRO A 296 23.36 7.66 0.50
CA PRO A 296 23.66 6.52 1.37
C PRO A 296 22.37 5.84 1.82
N PRO A 297 22.36 4.49 1.83
CA PRO A 297 21.18 3.72 2.20
C PRO A 297 20.64 4.07 3.58
N ASN A 298 21.51 4.51 4.49
CA ASN A 298 21.08 4.85 5.85
C ASN A 298 20.57 6.28 6.01
N GLY A 299 20.67 7.07 4.94
CA GLY A 299 20.38 8.50 5.02
C GLY A 299 18.90 8.85 4.85
N TYR A 300 18.57 10.11 5.11
CA TYR A 300 17.20 10.61 4.94
C TYR A 300 17.19 12.14 5.08
N PHE A 301 16.18 12.79 4.52
CA PHE A 301 16.06 14.25 4.62
C PHE A 301 15.75 14.65 6.05
N ARG A 302 16.38 15.72 6.49
CA ARG A 302 16.13 16.28 7.81
C ARG A 302 15.81 17.76 7.67
N PHE A 303 14.75 18.20 8.33
CA PHE A 303 14.43 19.63 8.30
C PHE A 303 15.53 20.43 8.97
N ASP A 304 15.92 21.52 8.33
CA ASP A 304 16.94 22.41 8.88
C ASP A 304 16.32 23.68 9.45
N SER A 305 15.62 24.43 8.61
CA SER A 305 15.09 25.74 9.00
C SER A 305 14.20 26.27 7.90
N TRP A 306 13.48 27.34 8.20
CA TRP A 306 12.65 28.00 7.20
C TRP A 306 13.41 29.14 6.55
N VAL A 307 13.45 29.13 5.23
CA VAL A 307 14.18 30.16 4.46
C VAL A 307 13.26 30.72 3.39
N ASN A 308 13.75 31.64 2.57
CA ASN A 308 12.90 32.18 1.51
C ASN A 308 13.19 31.62 0.13
N GLN A 309 12.39 32.08 -0.84
CA GLN A 309 12.45 31.56 -2.19
C GLN A 309 13.83 31.75 -2.79
N PHE A 310 14.58 32.73 -2.28
CA PHE A 310 15.84 33.14 -2.89
C PHE A 310 17.05 32.34 -2.44
N TYR A 311 16.87 31.47 -1.43
CA TYR A 311 18.00 30.73 -0.87
C TYR A 311 18.79 30.08 -2.00
N ALA A 312 20.09 30.29 -2.03
CA ALA A 312 20.90 29.78 -3.13
C ALA A 312 21.62 28.50 -2.75
N LEU A 313 21.17 27.39 -3.31
CA LEU A 313 21.80 26.10 -3.02
C LEU A 313 23.15 25.96 -3.73
N ALA A 314 24.09 25.27 -3.09
CA ALA A 314 25.36 24.92 -3.73
C ALA A 314 25.11 24.03 -4.96
N PRO A 315 25.56 24.48 -6.14
CA PRO A 315 25.29 23.74 -7.37
C PRO A 315 25.94 22.37 -7.35
N MET A 316 25.23 21.34 -7.81
CA MET A 316 25.81 20.01 -8.01
C MET A 316 26.32 19.92 -9.44
N THR B 11 9.22 11.27 30.13
CA THR B 11 9.59 10.57 28.90
C THR B 11 8.67 10.95 27.74
N LYS B 12 9.04 10.55 26.53
CA LYS B 12 8.28 10.90 25.33
C LYS B 12 6.89 10.25 25.33
N PRO B 13 5.83 11.08 25.25
CA PRO B 13 4.45 10.62 25.39
C PRO B 13 4.02 9.66 24.28
N PHE B 14 3.30 8.60 24.65
CA PHE B 14 2.78 7.66 23.68
C PHE B 14 1.52 8.23 23.04
N THR B 15 1.37 8.03 21.74
CA THR B 15 0.21 8.52 21.03
C THR B 15 -0.21 7.53 19.95
N LEU B 16 -1.47 7.65 19.53
CA LEU B 16 -2.01 6.96 18.36
C LEU B 16 -2.28 7.95 17.26
N PRO B 17 -2.09 7.53 16.00
CA PRO B 17 -2.35 8.47 14.91
C PRO B 17 -3.85 8.77 14.82
N ILE B 18 -4.18 9.98 14.41
CA ILE B 18 -5.58 10.33 14.23
C ILE B 18 -6.03 9.85 12.86
N LEU B 19 -6.59 8.65 12.82
CA LEU B 19 -7.01 8.02 11.58
C LEU B 19 -8.29 7.24 11.79
N THR B 20 -9.33 7.55 11.01
CA THR B 20 -10.61 6.86 11.16
C THR B 20 -10.52 5.47 10.53
N ILE B 21 -11.56 4.66 10.74
CA ILE B 21 -11.55 3.30 10.24
C ILE B 21 -11.38 3.25 8.73
N GLY B 22 -11.95 4.23 8.03
CA GLY B 22 -11.77 4.32 6.59
C GLY B 22 -10.41 4.89 6.16
N GLU B 23 -9.56 5.18 7.14
CA GLU B 23 -8.21 5.70 6.87
C GLU B 23 -7.13 4.76 7.40
N LEU B 24 -7.49 3.48 7.57
CA LEU B 24 -6.55 2.47 8.06
C LEU B 24 -6.35 1.31 7.07
N THR B 25 -5.13 0.77 7.05
CA THR B 25 -4.79 -0.33 6.17
C THR B 25 -4.55 -1.58 7.00
N ASN B 26 -4.95 -2.74 6.47
CA ASN B 26 -4.67 -4.01 7.11
C ASN B 26 -3.18 -4.29 7.06
N SER B 27 -2.61 -4.81 8.15
CA SER B 27 -1.16 -5.06 8.20
C SER B 27 -0.79 -6.45 7.67
N ARG B 28 -1.79 -7.29 7.42
CA ARG B 28 -1.57 -8.67 6.98
C ARG B 28 -1.99 -8.92 5.54
N PHE B 29 -2.64 -7.95 4.94
CA PHE B 29 -2.99 -8.01 3.51
C PHE B 29 -3.25 -6.59 3.03
N PRO B 30 -2.69 -6.22 1.87
CA PRO B 30 -2.83 -4.83 1.40
C PRO B 30 -4.26 -4.52 1.02
N ALA B 31 -5.06 -4.12 2.02
CA ALA B 31 -6.45 -3.70 1.80
C ALA B 31 -6.90 -2.82 2.96
N PRO B 32 -7.84 -1.91 2.69
CA PRO B 32 -8.33 -1.05 3.76
C PRO B 32 -9.06 -1.85 4.84
N ILE B 33 -8.97 -1.37 6.07
CA ILE B 33 -9.81 -1.90 7.16
C ILE B 33 -11.24 -1.49 6.86
N ASP B 34 -12.17 -2.41 7.01
CA ASP B 34 -13.58 -2.05 6.79
C ASP B 34 -14.49 -2.35 7.99
N GLN B 35 -13.96 -3.05 8.99
CA GLN B 35 -14.72 -3.36 10.21
C GLN B 35 -13.80 -3.54 11.38
N LEU B 36 -14.32 -3.29 12.59
CA LEU B 36 -13.68 -3.80 13.78
C LEU B 36 -14.41 -5.09 14.12
N TYR B 37 -13.70 -6.08 14.66
CA TYR B 37 -14.27 -7.40 14.86
C TYR B 37 -13.71 -8.06 16.09
N THR B 38 -14.54 -8.82 16.80
CA THR B 38 -14.07 -9.53 17.99
C THR B 38 -14.55 -10.98 17.98
N SER B 39 -13.77 -11.86 18.63
CA SER B 39 -14.10 -13.26 18.67
C SER B 39 -13.30 -13.95 19.78
N PRO B 40 -13.89 -15.00 20.40
CA PRO B 40 -13.16 -15.82 21.37
C PRO B 40 -12.02 -16.64 20.72
N ASN B 41 -12.18 -16.99 19.44
CA ASN B 41 -11.17 -17.82 18.76
C ASN B 41 -10.71 -18.98 19.63
N ALA B 42 -11.67 -19.68 20.23
CA ALA B 42 -11.41 -20.72 21.22
C ALA B 42 -10.51 -21.83 20.68
N ASP B 43 -10.67 -22.16 19.40
CA ASP B 43 -9.99 -23.31 18.83
C ASP B 43 -8.69 -22.96 18.11
N VAL B 44 -8.15 -21.77 18.33
CA VAL B 44 -6.94 -21.37 17.62
C VAL B 44 -5.88 -20.65 18.46
N VAL B 45 -4.63 -20.83 18.07
CA VAL B 45 -3.53 -20.02 18.56
C VAL B 45 -3.38 -18.81 17.62
N VAL B 46 -3.70 -17.62 18.13
CA VAL B 46 -3.59 -16.41 17.33
C VAL B 46 -2.13 -15.92 17.36
N GLN B 47 -1.40 -16.16 16.28
CA GLN B 47 0.03 -15.85 16.27
C GLN B 47 0.49 -15.29 14.92
N PRO B 48 -0.19 -14.26 14.42
CA PRO B 48 0.19 -13.72 13.10
C PRO B 48 1.62 -13.18 13.11
N GLN B 49 2.24 -13.09 11.93
CA GLN B 49 3.63 -12.65 11.85
C GLN B 49 3.78 -11.32 11.13
N ASN B 50 2.76 -10.94 10.36
CA ASN B 50 2.68 -9.60 9.81
C ASN B 50 1.82 -8.75 10.73
N GLY B 51 2.08 -7.44 10.74
CA GLY B 51 1.32 -6.55 11.59
C GLY B 51 1.69 -6.73 13.06
N ARG B 52 2.97 -7.04 13.30
CA ARG B 52 3.49 -7.26 14.65
C ARG B 52 4.50 -6.18 15.03
N CYS B 53 4.19 -5.43 16.08
CA CYS B 53 5.04 -4.32 16.52
C CYS B 53 4.62 -3.90 17.93
N SER B 54 5.60 -3.79 18.82
CA SER B 54 5.35 -3.36 20.18
C SER B 54 4.98 -1.88 20.14
N LEU B 55 4.34 -1.41 21.20
CA LEU B 55 3.97 0.00 21.31
C LEU B 55 5.17 0.95 21.36
N ASP B 56 6.35 0.45 21.71
CA ASP B 56 7.57 1.27 21.69
C ASP B 56 8.36 1.15 20.38
N GLY B 57 7.76 0.53 19.37
CA GLY B 57 8.27 0.64 18.01
C GLY B 57 9.14 -0.48 17.45
N GLU B 58 9.17 -1.61 18.14
CA GLU B 58 9.98 -2.75 17.68
C GLU B 58 9.18 -3.71 16.84
N LEU B 59 9.52 -3.74 15.55
CA LEU B 59 8.87 -4.63 14.59
C LEU B 59 9.25 -6.07 14.88
N GLN B 60 8.30 -6.97 14.68
CA GLN B 60 8.50 -8.39 14.98
C GLN B 60 7.97 -9.32 13.89
N GLY B 61 8.23 -10.62 14.03
CA GLY B 61 7.79 -11.58 13.03
C GLY B 61 8.36 -11.29 11.65
N THR B 62 7.50 -11.23 10.65
CA THR B 62 7.93 -10.85 9.30
C THR B 62 7.51 -9.42 8.96
N THR B 63 7.25 -8.61 9.98
CA THR B 63 6.62 -7.31 9.79
C THR B 63 7.64 -6.30 9.29
N GLN B 64 7.23 -5.49 8.33
CA GLN B 64 8.06 -4.42 7.82
C GLN B 64 7.17 -3.20 7.60
N LEU B 65 7.70 -2.12 7.04
CA LEU B 65 7.01 -0.83 7.09
C LEU B 65 6.09 -0.50 5.91
N LEU B 66 6.32 -1.14 4.76
CA LEU B 66 5.57 -0.77 3.56
C LEU B 66 4.33 -1.62 3.36
N THR B 67 3.23 -0.95 2.99
CA THR B 67 2.04 -1.65 2.60
C THR B 67 2.35 -2.52 1.40
N THR B 68 3.18 -2.02 0.48
CA THR B 68 3.47 -2.74 -0.76
C THR B 68 4.27 -4.04 -0.62
N ALA B 69 4.84 -4.28 0.56
CA ALA B 69 5.60 -5.52 0.76
C ALA B 69 4.78 -6.64 1.41
N ILE B 70 3.60 -6.29 1.93
CA ILE B 70 2.76 -7.29 2.61
C ILE B 70 2.18 -8.32 1.63
N CYS B 71 2.47 -9.60 1.84
CA CYS B 71 2.10 -10.64 0.89
C CYS B 71 2.67 -10.36 -0.50
N SER B 72 3.80 -9.68 -0.54
CA SER B 72 4.51 -9.47 -1.78
C SER B 72 5.71 -10.41 -1.82
N TYR B 73 6.14 -10.81 -3.00
CA TYR B 73 7.36 -11.59 -3.14
C TYR B 73 8.20 -11.06 -4.28
N ARG B 74 9.51 -11.29 -4.19
CA ARG B 74 10.45 -10.79 -5.17
C ARG B 74 11.59 -11.78 -5.31
N GLY B 75 12.05 -12.02 -6.53
CA GLY B 75 13.19 -12.89 -6.73
C GLY B 75 13.36 -13.39 -8.16
N MET B 76 14.16 -14.45 -8.29
CA MET B 76 14.47 -15.07 -9.58
C MET B 76 13.67 -16.37 -9.72
N THR B 77 12.95 -16.51 -10.84
CA THR B 77 12.22 -17.74 -11.10
C THR B 77 13.20 -18.82 -11.54
N SER B 78 12.85 -20.07 -11.25
CA SER B 78 13.69 -21.22 -11.60
C SER B 78 13.48 -21.59 -13.06
N ASN B 79 14.00 -22.76 -13.45
CA ASN B 79 13.57 -23.39 -14.68
C ASN B 79 12.30 -24.18 -14.37
N PRO B 80 11.62 -24.69 -15.41
CA PRO B 80 10.39 -25.44 -15.15
C PRO B 80 10.64 -26.64 -14.23
N THR B 81 9.70 -26.91 -13.34
CA THR B 81 9.77 -28.09 -12.50
C THR B 81 8.98 -29.22 -13.16
N ARG B 82 8.95 -30.38 -12.53
CA ARG B 82 8.10 -31.46 -13.03
C ARG B 82 6.72 -31.43 -12.38
N ASP B 83 6.55 -30.54 -11.41
CA ASP B 83 5.37 -30.47 -10.55
C ASP B 83 4.17 -29.86 -11.28
N TYR B 84 3.01 -30.50 -11.15
CA TYR B 84 1.80 -30.04 -11.82
C TYR B 84 1.28 -28.73 -11.23
N TRP B 85 1.45 -28.57 -9.93
CA TRP B 85 0.97 -27.36 -9.27
C TRP B 85 2.05 -26.27 -9.34
N ASP B 86 3.15 -26.46 -8.62
CA ASP B 86 4.21 -25.47 -8.62
C ASP B 86 5.15 -25.67 -9.81
N GLY B 87 4.76 -25.13 -10.96
CA GLY B 87 5.50 -25.32 -12.19
C GLY B 87 6.82 -24.58 -12.19
N HIS B 88 6.94 -23.57 -11.33
CA HIS B 88 8.19 -22.82 -11.19
C HIS B 88 8.41 -22.56 -9.71
N LEU B 89 9.68 -22.39 -9.32
CA LEU B 89 9.99 -21.92 -7.98
C LEU B 89 10.39 -20.46 -8.10
N LEU B 90 10.30 -19.73 -7.00
CA LEU B 90 10.81 -18.38 -6.93
C LEU B 90 11.89 -18.35 -5.87
N HIS B 91 13.10 -17.95 -6.25
CA HIS B 91 14.19 -17.83 -5.28
C HIS B 91 14.15 -16.42 -4.66
N LEU B 92 13.74 -16.35 -3.40
CA LEU B 92 13.40 -15.07 -2.77
C LEU B 92 14.57 -14.15 -2.42
N VAL B 93 14.29 -12.86 -2.54
CA VAL B 93 15.02 -11.80 -1.83
C VAL B 93 13.97 -11.08 -0.98
N HIS B 94 14.40 -10.19 -0.08
CA HIS B 94 13.42 -9.40 0.67
C HIS B 94 12.71 -8.46 -0.30
N PRO B 95 11.50 -7.99 0.06
CA PRO B 95 10.77 -7.09 -0.83
C PRO B 95 11.51 -5.78 -1.12
N ASN B 96 12.38 -5.34 -0.22
CA ASN B 96 13.14 -4.12 -0.47
C ASN B 96 14.34 -4.41 -1.39
N GLY B 97 14.44 -5.65 -1.85
CA GLY B 97 15.52 -6.05 -2.74
C GLY B 97 16.74 -6.66 -2.05
N ALA B 98 16.79 -6.57 -0.74
CA ALA B 98 17.96 -7.06 -0.02
C ALA B 98 18.09 -8.58 -0.13
N THR B 99 19.30 -9.04 -0.43
CA THR B 99 19.63 -10.47 -0.43
C THR B 99 19.16 -11.14 0.86
N TYR B 100 18.49 -12.28 0.72
CA TYR B 100 17.97 -12.97 1.89
C TYR B 100 18.87 -14.12 2.32
N ASP B 101 19.21 -14.13 3.60
CA ASP B 101 20.06 -15.17 4.18
C ASP B 101 19.20 -15.92 5.21
N PRO B 102 18.96 -17.21 4.97
CA PRO B 102 18.10 -18.03 5.85
C PRO B 102 18.57 -18.04 7.29
N THR B 103 19.84 -17.68 7.54
CA THR B 103 20.32 -17.62 8.93
C THR B 103 19.89 -16.34 9.65
N GLU B 104 19.22 -15.45 8.93
CA GLU B 104 18.65 -14.25 9.55
C GLU B 104 17.65 -14.57 10.65
N ASP B 105 17.52 -13.64 11.58
CA ASP B 105 16.63 -13.72 12.74
C ASP B 105 15.15 -13.59 12.41
N VAL B 106 14.68 -14.28 11.37
CA VAL B 106 13.30 -14.07 10.92
C VAL B 106 12.59 -15.39 10.62
N PRO B 107 11.26 -15.41 10.73
CA PRO B 107 10.53 -16.62 10.32
C PRO B 107 10.68 -16.90 8.83
N ALA B 108 10.95 -15.84 8.06
CA ALA B 108 10.94 -15.90 6.61
C ALA B 108 11.17 -14.47 6.11
N PRO B 109 11.34 -14.29 4.79
CA PRO B 109 11.56 -12.91 4.32
C PRO B 109 10.40 -11.97 4.71
N PHE B 110 10.70 -10.70 4.97
CA PHE B 110 9.65 -9.77 5.41
C PHE B 110 8.46 -9.77 4.45
N GLY B 111 7.26 -9.68 5.01
CA GLY B 111 6.03 -9.61 4.24
C GLY B 111 5.49 -10.96 3.80
N THR B 112 6.26 -12.03 4.01
CA THR B 112 5.78 -13.39 3.67
C THR B 112 4.39 -13.63 4.24
N GLN B 113 3.51 -14.30 3.48
CA GLN B 113 2.15 -14.54 3.97
C GLN B 113 2.20 -15.38 5.24
N ASP B 114 1.32 -15.08 6.19
CA ASP B 114 1.40 -15.72 7.50
C ASP B 114 0.17 -16.55 7.84
N PHE B 115 -0.45 -17.13 6.80
CA PHE B 115 -1.64 -17.99 6.94
C PHE B 115 -1.44 -19.22 6.06
N ARG B 116 -2.24 -20.26 6.30
CA ARG B 116 -2.29 -21.40 5.37
C ARG B 116 -3.47 -21.21 4.42
N GLY B 117 -3.19 -21.04 3.14
CA GLY B 117 -4.24 -20.86 2.15
C GLY B 117 -3.63 -20.44 0.83
N ILE B 118 -4.45 -20.11 -0.15
CA ILE B 118 -3.92 -19.75 -1.45
C ILE B 118 -3.97 -18.25 -1.70
N LEU B 119 -2.80 -17.65 -1.83
CA LEU B 119 -2.67 -16.23 -2.15
C LEU B 119 -2.67 -16.03 -3.66
N TYR B 120 -3.59 -15.22 -4.17
CA TYR B 120 -3.60 -14.95 -5.60
C TYR B 120 -3.05 -13.57 -5.93
N GLY B 121 -2.31 -13.48 -7.02
CA GLY B 121 -1.78 -12.22 -7.47
C GLY B 121 -1.18 -12.34 -8.85
N VAL B 122 -0.45 -11.31 -9.26
CA VAL B 122 0.11 -11.27 -10.61
C VAL B 122 1.64 -11.21 -10.54
N LEU B 123 2.28 -12.05 -11.37
CA LEU B 123 3.72 -12.08 -11.52
C LEU B 123 4.11 -11.28 -12.74
N THR B 124 5.02 -10.33 -12.55
CA THR B 124 5.56 -9.55 -13.65
C THR B 124 7.06 -9.78 -13.69
N GLN B 125 7.61 -9.85 -14.89
CA GLN B 125 8.99 -10.27 -15.09
C GLN B 125 9.68 -9.34 -16.09
N ASN B 126 10.52 -9.89 -16.97
CA ASN B 126 11.16 -9.09 -18.02
C ASN B 126 10.11 -8.51 -18.95
N PRO B 127 10.22 -7.21 -19.25
CA PRO B 127 9.33 -6.62 -20.26
C PRO B 127 9.40 -7.38 -21.58
N ARG B 128 8.27 -7.51 -22.23
CA ARG B 128 8.16 -8.25 -23.47
C ARG B 128 7.87 -7.31 -24.64
N ALA B 129 8.92 -6.96 -25.35
CA ALA B 129 8.83 -6.07 -26.47
C ALA B 129 7.74 -6.49 -27.45
N SER B 130 7.61 -7.78 -27.69
CA SER B 130 6.69 -8.22 -28.70
C SER B 130 5.39 -8.77 -28.23
N GLY B 131 5.31 -9.12 -26.98
CA GLY B 131 4.06 -9.64 -26.48
C GLY B 131 2.81 -8.79 -26.75
N ASP B 132 1.69 -9.47 -26.75
CA ASP B 132 0.40 -8.87 -26.85
C ASP B 132 -0.07 -8.39 -25.48
N GLU B 133 -1.35 -8.11 -25.34
CA GLU B 133 -1.87 -7.59 -24.09
C GLU B 133 -1.57 -8.51 -22.89
N ALA B 134 -1.12 -7.95 -21.80
CA ALA B 134 -0.87 -8.73 -20.60
C ALA B 134 0.25 -9.76 -20.78
N ALA B 135 1.11 -9.55 -21.74
CA ALA B 135 2.18 -10.48 -22.06
C ALA B 135 3.09 -10.71 -20.86
N ASN B 136 3.40 -9.64 -20.12
CA ASN B 136 4.29 -9.74 -18.96
C ASN B 136 3.54 -9.62 -17.63
N SER B 137 2.37 -10.23 -17.55
CA SER B 137 1.60 -10.27 -16.31
C SER B 137 0.86 -11.59 -16.18
N GLN B 138 1.33 -12.44 -15.28
CA GLN B 138 0.79 -13.78 -15.15
C GLN B 138 0.01 -13.89 -13.86
N GLY B 139 -1.23 -14.36 -13.96
CA GLY B 139 -2.00 -14.72 -12.78
C GLY B 139 -1.37 -15.91 -12.10
N VAL B 140 -1.08 -15.79 -10.81
CA VAL B 140 -0.37 -16.84 -10.09
C VAL B 140 -0.99 -17.15 -8.72
N TYR B 141 -1.04 -18.44 -8.37
CA TYR B 141 -1.42 -18.87 -7.04
C TYR B 141 -0.18 -19.23 -6.22
N ILE B 142 -0.10 -18.71 -5.00
CA ILE B 142 0.98 -19.12 -4.09
C ILE B 142 0.33 -19.77 -2.88
N SER B 143 0.39 -21.10 -2.81
CA SER B 143 -0.28 -21.79 -1.71
C SER B 143 0.70 -22.06 -0.58
N SER B 144 0.33 -21.64 0.62
CA SER B 144 1.17 -21.91 1.78
C SER B 144 0.87 -23.28 2.42
N THR B 145 0.12 -24.13 1.72
CA THR B 145 0.02 -25.53 2.10
C THR B 145 0.86 -26.40 1.15
N SER B 146 1.51 -25.79 0.17
CA SER B 146 2.39 -26.55 -0.71
C SER B 146 3.67 -26.91 0.03
N GLU B 147 4.22 -28.08 -0.26
CA GLU B 147 5.50 -28.45 0.34
C GLU B 147 6.63 -27.70 -0.34
N LYS B 148 6.33 -27.00 -1.42
CA LYS B 148 7.31 -26.11 -2.06
C LYS B 148 7.25 -24.70 -1.46
N PHE B 149 6.35 -24.51 -0.49
CA PHE B 149 6.30 -23.24 0.21
C PHE B 149 7.28 -23.31 1.38
N THR B 150 8.54 -22.96 1.10
CA THR B 150 9.61 -23.01 2.10
C THR B 150 10.36 -21.68 2.10
N PRO B 151 9.65 -20.58 2.40
CA PRO B 151 10.29 -19.27 2.28
C PRO B 151 11.46 -19.12 3.25
N LYS B 152 11.40 -19.78 4.40
CA LYS B 152 12.52 -19.68 5.35
C LYS B 152 13.81 -20.15 4.69
N LEU B 153 13.68 -21.16 3.84
CA LEU B 153 14.81 -21.73 3.11
C LEU B 153 15.16 -20.89 1.89
N GLY B 154 14.29 -19.96 1.54
CA GLY B 154 14.59 -19.03 0.46
C GLY B 154 13.88 -19.30 -0.85
N THR B 155 12.88 -20.16 -0.85
CA THR B 155 12.15 -20.49 -2.07
C THR B 155 10.70 -20.82 -1.78
N ILE B 156 9.82 -20.45 -2.72
CA ILE B 156 8.41 -20.79 -2.66
C ILE B 156 7.99 -21.28 -4.04
N GLY B 157 6.85 -21.97 -4.09
CA GLY B 157 6.35 -22.48 -5.36
C GLY B 157 5.36 -21.52 -5.96
N LEU B 158 5.37 -21.42 -7.30
CA LEU B 158 4.40 -20.62 -8.04
C LEU B 158 3.51 -21.53 -8.89
N HIS B 159 2.20 -21.42 -8.74
CA HIS B 159 1.25 -22.12 -9.60
C HIS B 159 0.60 -21.14 -10.58
N GLN B 160 0.97 -21.18 -11.86
CA GLN B 160 0.38 -20.23 -12.80
C GLN B 160 -1.10 -20.57 -13.04
N VAL B 161 -1.95 -19.55 -13.08
CA VAL B 161 -3.37 -19.73 -13.34
C VAL B 161 -3.88 -18.91 -14.55
N GLN B 162 -3.17 -17.84 -14.90
CA GLN B 162 -3.49 -17.08 -16.10
C GLN B 162 -2.17 -16.73 -16.77
N GLY B 163 -1.92 -17.25 -17.98
CA GLY B 163 -0.69 -16.94 -18.68
C GLY B 163 0.41 -17.94 -18.35
N ASN B 164 1.64 -17.60 -18.68
CA ASN B 164 2.76 -18.52 -18.53
C ASN B 164 3.94 -17.85 -17.86
N ILE B 165 4.44 -18.47 -16.78
CA ILE B 165 5.60 -17.92 -16.09
C ILE B 165 6.89 -18.15 -16.87
N ALA B 166 7.67 -17.09 -17.05
CA ALA B 166 8.95 -17.18 -17.73
C ALA B 166 10.03 -17.69 -16.78
N SER B 167 10.93 -18.52 -17.31
CA SER B 167 12.00 -19.12 -16.54
C SER B 167 13.20 -18.19 -16.37
N ASN B 168 13.89 -18.33 -15.25
CA ASN B 168 15.11 -17.59 -14.96
C ASN B 168 15.05 -16.09 -15.22
N GLN B 169 14.02 -15.45 -14.68
CA GLN B 169 13.92 -14.00 -14.78
C GLN B 169 13.62 -13.34 -13.44
N GLN B 170 14.12 -12.12 -13.27
CA GLN B 170 13.81 -11.28 -12.13
C GLN B 170 12.31 -11.04 -12.09
N SER B 171 11.66 -11.33 -10.97
CA SER B 171 10.21 -11.24 -10.95
C SER B 171 9.64 -10.59 -9.70
N LYS B 172 8.42 -10.08 -9.84
CA LYS B 172 7.72 -9.46 -8.74
C LYS B 172 6.32 -10.06 -8.64
N PHE B 173 5.90 -10.42 -7.43
CA PHE B 173 4.52 -10.89 -7.21
C PHE B 173 3.76 -9.79 -6.47
N THR B 174 2.69 -9.30 -7.11
CA THR B 174 1.80 -8.30 -6.52
C THR B 174 0.53 -9.01 -6.09
N PRO B 175 0.26 -9.06 -4.77
CA PRO B 175 -0.93 -9.79 -4.32
C PRO B 175 -2.21 -9.09 -4.74
N VAL B 176 -3.24 -9.86 -5.02
CA VAL B 176 -4.55 -9.30 -5.35
C VAL B 176 -5.63 -9.86 -4.43
N GLY B 177 -5.59 -11.16 -4.16
CA GLY B 177 -6.64 -11.74 -3.36
C GLY B 177 -6.39 -13.13 -2.86
N ILE B 178 -7.47 -13.76 -2.37
CA ILE B 178 -7.40 -15.11 -1.82
C ILE B 178 -8.21 -16.10 -2.66
N ALA B 179 -7.64 -17.29 -2.89
CA ALA B 179 -8.32 -18.36 -3.62
C ALA B 179 -8.58 -19.51 -2.66
N VAL B 180 -9.73 -20.15 -2.81
CA VAL B 180 -10.04 -21.34 -2.02
C VAL B 180 -10.47 -22.45 -3.00
N ASN B 181 -9.73 -23.54 -3.03
CA ASN B 181 -10.14 -24.65 -3.88
C ASN B 181 -10.70 -25.79 -3.06
N GLY B 182 -10.88 -26.94 -3.67
CA GLY B 182 -11.56 -28.05 -3.02
C GLY B 182 -10.86 -28.58 -1.79
N ASN B 183 -9.53 -28.41 -1.71
CA ASN B 183 -8.80 -28.97 -0.58
C ASN B 183 -7.93 -27.97 0.14
N THR B 184 -8.15 -26.68 -0.11
CA THR B 184 -7.36 -25.65 0.54
C THR B 184 -8.23 -24.54 1.08
N PRO B 185 -8.87 -24.77 2.24
CA PRO B 185 -9.56 -23.66 2.91
C PRO B 185 -8.60 -22.55 3.27
N PHE B 186 -9.11 -21.33 3.38
CA PHE B 186 -8.32 -20.23 3.88
C PHE B 186 -8.36 -20.28 5.40
N ARG B 187 -7.21 -20.50 6.02
CA ARG B 187 -7.12 -20.56 7.48
C ARG B 187 -6.17 -19.49 7.98
N GLN B 188 -6.69 -18.32 8.32
CA GLN B 188 -5.87 -17.13 8.62
C GLN B 188 -5.06 -17.24 9.89
N TRP B 189 -5.50 -18.10 10.81
CA TRP B 189 -4.79 -18.28 12.08
C TRP B 189 -3.91 -19.53 12.13
N GLU B 190 -3.78 -20.25 11.03
CA GLU B 190 -2.78 -21.31 10.97
C GLU B 190 -1.54 -20.83 10.23
N LEU B 191 -0.39 -20.88 10.90
CA LEU B 191 0.86 -20.45 10.29
C LEU B 191 1.32 -21.43 9.22
N PRO B 192 1.95 -20.92 8.16
CA PRO B 192 2.55 -21.90 7.27
C PRO B 192 3.72 -22.59 7.97
N ASN B 193 4.19 -23.70 7.43
CA ASN B 193 5.49 -24.24 7.81
C ASN B 193 6.54 -23.54 6.96
N TYR B 194 7.17 -22.54 7.54
CA TYR B 194 8.04 -21.68 6.75
C TYR B 194 9.24 -22.43 6.13
N SER B 195 9.61 -23.57 6.72
CA SER B 195 10.65 -24.42 6.12
C SER B 195 10.12 -25.74 5.60
N GLY B 196 8.79 -25.88 5.52
CA GLY B 196 8.18 -27.14 5.07
C GLY B 196 7.84 -28.06 6.24
N ALA B 197 6.97 -29.05 5.98
CA ALA B 197 6.50 -29.91 7.06
C ALA B 197 7.66 -30.67 7.74
N LEU B 198 7.45 -31.03 9.01
CA LEU B 198 8.46 -31.74 9.80
C LEU B 198 9.68 -30.88 10.14
N THR B 199 9.53 -29.57 10.01
CA THR B 199 10.55 -28.64 10.45
C THR B 199 9.87 -27.58 11.31
N LEU B 200 10.55 -27.12 12.36
CA LEU B 200 9.96 -26.14 13.25
C LEU B 200 10.06 -24.73 12.66
N ASN B 201 9.02 -23.93 12.86
CA ASN B 201 9.10 -22.50 12.58
C ASN B 201 10.06 -21.84 13.57
N THR B 202 10.63 -20.70 13.20
CA THR B 202 11.59 -20.00 14.04
C THR B 202 11.31 -18.50 14.17
N ASN B 203 11.91 -17.87 15.19
CA ASN B 203 11.90 -16.42 15.33
C ASN B 203 10.51 -15.81 15.28
N LEU B 204 9.51 -16.53 15.78
CA LEU B 204 8.13 -16.09 15.66
C LEU B 204 7.82 -14.95 16.63
N ALA B 205 6.95 -14.03 16.21
CA ALA B 205 6.31 -13.13 17.16
C ALA B 205 5.44 -14.01 18.04
N PRO B 206 5.31 -13.66 19.32
CA PRO B 206 4.56 -14.51 20.26
C PRO B 206 3.07 -14.58 19.95
N ALA B 207 2.44 -15.66 20.41
CA ALA B 207 1.00 -15.78 20.34
C ALA B 207 0.38 -14.71 21.22
N VAL B 208 -0.83 -14.28 20.90
CA VAL B 208 -1.53 -13.29 21.72
C VAL B 208 -2.90 -13.78 22.15
N GLY B 209 -3.42 -13.16 23.19
CA GLY B 209 -4.73 -13.52 23.72
C GLY B 209 -4.99 -12.78 25.00
N PRO B 210 -6.23 -12.81 25.49
CA PRO B 210 -6.56 -12.04 26.69
C PRO B 210 -5.97 -12.70 27.94
N ASN B 211 -5.73 -11.91 28.98
CA ASN B 211 -5.27 -12.45 30.25
C ASN B 211 -6.03 -11.85 31.44
N PHE B 212 -7.33 -11.68 31.25
CA PHE B 212 -8.21 -11.14 32.27
C PHE B 212 -9.60 -11.58 31.88
N PRO B 213 -10.34 -12.17 32.83
CA PRO B 213 -11.61 -12.83 32.54
C PRO B 213 -12.60 -11.92 31.82
N GLY B 214 -13.30 -12.45 30.82
CA GLY B 214 -14.35 -11.71 30.14
C GLY B 214 -13.85 -10.86 28.99
N GLU B 215 -12.57 -11.00 28.66
CA GLU B 215 -11.99 -10.22 27.57
C GLU B 215 -11.73 -11.04 26.31
N GLN B 216 -11.80 -10.38 25.17
CA GLN B 216 -11.44 -10.99 23.89
C GLN B 216 -10.58 -10.00 23.11
N ILE B 217 -9.80 -10.51 22.18
CA ILE B 217 -9.08 -9.63 21.24
C ILE B 217 -10.06 -8.88 20.35
N LEU B 218 -9.78 -7.60 20.16
CA LEU B 218 -10.45 -6.81 19.14
C LEU B 218 -9.52 -6.71 17.93
N PHE B 219 -10.02 -7.07 16.76
CA PHE B 219 -9.25 -7.09 15.52
C PHE B 219 -9.64 -5.96 14.57
N PHE B 220 -8.70 -5.54 13.73
CA PHE B 220 -9.01 -4.68 12.59
C PHE B 220 -9.22 -5.59 11.38
N ARG B 221 -10.41 -5.56 10.80
CA ARG B 221 -10.78 -6.56 9.80
C ARG B 221 -10.99 -6.02 8.39
N SER B 222 -10.56 -6.80 7.40
CA SER B 222 -10.76 -6.46 5.99
C SER B 222 -11.49 -7.58 5.26
N ASN B 223 -12.50 -7.22 4.49
CA ASN B 223 -13.08 -8.15 3.51
C ASN B 223 -12.24 -8.04 2.23
N VAL B 224 -11.51 -9.10 1.90
CA VAL B 224 -10.56 -9.03 0.78
C VAL B 224 -11.04 -9.81 -0.44
N PRO B 225 -10.48 -9.51 -1.62
CA PRO B 225 -11.05 -10.12 -2.83
C PRO B 225 -10.96 -11.64 -2.80
N SER B 226 -12.04 -12.28 -3.24
CA SER B 226 -12.18 -13.74 -3.21
C SER B 226 -12.26 -14.25 -4.62
N VAL B 227 -11.17 -14.81 -5.13
CA VAL B 227 -11.05 -15.06 -6.56
C VAL B 227 -11.53 -16.45 -7.01
N GLN B 228 -11.57 -17.39 -6.08
CA GLN B 228 -12.12 -18.73 -6.32
C GLN B 228 -12.68 -19.28 -5.02
N GLY B 229 -13.81 -19.97 -5.09
CA GLY B 229 -14.38 -20.61 -3.90
C GLY B 229 -15.81 -20.19 -3.58
N GLY B 230 -16.15 -18.96 -3.92
CA GLY B 230 -17.52 -18.50 -3.82
C GLY B 230 -17.89 -17.76 -2.56
N GLN B 231 -17.01 -17.78 -1.56
CA GLN B 231 -17.32 -17.16 -0.27
C GLN B 231 -16.52 -15.89 -0.03
N PRO B 232 -17.07 -14.98 0.78
CA PRO B 232 -16.26 -13.84 1.23
C PRO B 232 -15.08 -14.31 2.10
N ILE B 233 -13.99 -13.56 2.06
CA ILE B 233 -12.80 -13.88 2.84
C ILE B 233 -12.47 -12.72 3.76
N GLU B 234 -12.31 -13.01 5.05
CA GLU B 234 -12.01 -12.02 6.07
C GLU B 234 -10.60 -12.19 6.65
N ILE B 235 -9.86 -11.09 6.72
CA ILE B 235 -8.55 -11.09 7.34
C ILE B 235 -8.48 -10.09 8.49
N ASP B 236 -8.10 -10.60 9.67
CA ASP B 236 -8.01 -9.80 10.88
C ASP B 236 -6.54 -9.51 11.16
N CYS B 237 -6.23 -8.25 11.45
CA CYS B 237 -4.88 -7.94 11.94
C CYS B 237 -4.99 -7.38 13.36
N LEU B 238 -3.89 -7.42 14.11
CA LEU B 238 -3.90 -6.98 15.50
C LEU B 238 -3.82 -5.47 15.62
N ILE B 239 -3.03 -4.86 14.75
CA ILE B 239 -2.95 -3.39 14.60
C ILE B 239 -2.81 -3.10 13.11
N PRO B 240 -3.32 -1.95 12.67
CA PRO B 240 -3.23 -1.64 11.24
C PRO B 240 -1.81 -1.19 10.88
N GLN B 241 -1.50 -1.18 9.58
CA GLN B 241 -0.15 -0.88 9.15
C GLN B 241 0.28 0.53 9.59
N GLU B 242 -0.66 1.46 9.59
CA GLU B 242 -0.35 2.83 10.01
C GLU B 242 0.06 2.91 11.47
N TRP B 243 -0.44 1.99 12.30
CA TRP B 243 0.02 1.97 13.69
C TRP B 243 1.45 1.43 13.77
N VAL B 244 1.73 0.37 13.00
CA VAL B 244 3.08 -0.15 12.90
C VAL B 244 4.03 1.00 12.56
N SER B 245 3.69 1.74 11.51
CA SER B 245 4.53 2.86 11.05
C SER B 245 4.68 3.92 12.13
N HIS B 246 3.57 4.23 12.79
CA HIS B 246 3.55 5.28 13.79
C HIS B 246 4.45 4.91 14.97
N PHE B 247 4.28 3.71 15.50
CA PHE B 247 5.06 3.27 16.67
C PHE B 247 6.55 3.20 16.36
N TYR B 248 6.87 2.77 15.15
CA TYR B 248 8.25 2.74 14.69
C TYR B 248 8.84 4.17 14.65
N GLN B 249 8.08 5.13 14.12
CA GLN B 249 8.54 6.52 14.10
C GLN B 249 8.72 7.09 15.50
N GLU B 250 7.67 6.97 16.31
CA GLU B 250 7.63 7.63 17.61
C GLU B 250 8.59 7.00 18.62
N SER B 251 8.53 5.68 18.72
CA SER B 251 9.34 4.93 19.67
C SER B 251 9.21 5.48 21.10
N ALA B 252 7.97 5.76 21.50
CA ALA B 252 7.70 6.23 22.87
C ALA B 252 7.85 5.07 23.86
N PRO B 253 8.60 5.28 24.95
CA PRO B 253 8.74 4.20 25.93
C PRO B 253 7.39 3.76 26.49
N SER B 254 7.15 2.46 26.59
CA SER B 254 5.93 1.93 27.20
C SER B 254 6.01 2.05 28.72
N GLN B 255 5.03 2.69 29.35
CA GLN B 255 5.09 2.95 30.80
C GLN B 255 4.47 1.83 31.63
N SER B 256 3.86 0.85 30.96
CA SER B 256 3.34 -0.34 31.62
C SER B 256 3.02 -1.40 30.57
N ASP B 257 2.33 -2.47 30.97
CA ASP B 257 2.00 -3.55 30.05
C ASP B 257 0.79 -3.18 29.20
N VAL B 258 0.01 -2.22 29.67
CA VAL B 258 -1.25 -1.92 29.03
C VAL B 258 -1.48 -0.43 28.92
N ALA B 259 -1.86 0.03 27.74
CA ALA B 259 -2.32 1.41 27.57
C ALA B 259 -3.82 1.37 27.43
N LEU B 260 -4.51 2.12 28.28
CA LEU B 260 -5.94 2.28 28.15
C LEU B 260 -6.22 3.22 26.99
N VAL B 261 -7.00 2.75 26.02
CA VAL B 261 -7.39 3.58 24.89
C VAL B 261 -8.91 3.69 24.81
N ARG B 262 -9.39 4.78 24.21
CA ARG B 262 -10.81 5.00 24.03
C ARG B 262 -11.08 5.22 22.56
N TYR B 263 -12.12 4.59 22.04
CA TYR B 263 -12.58 4.90 20.70
C TYR B 263 -13.49 6.10 20.84
N VAL B 264 -13.07 7.22 20.25
CA VAL B 264 -13.72 8.49 20.50
C VAL B 264 -14.45 8.98 19.27
N ASN B 265 -15.59 9.62 19.49
CA ASN B 265 -16.27 10.36 18.45
C ASN B 265 -15.85 11.82 18.58
N PRO B 266 -14.98 12.29 17.67
CA PRO B 266 -14.40 13.63 17.75
C PRO B 266 -15.45 14.74 17.70
N ASP B 267 -16.58 14.49 17.04
CA ASP B 267 -17.64 15.49 16.98
C ASP B 267 -18.27 15.75 18.34
N THR B 268 -18.48 14.70 19.13
CA THR B 268 -19.19 14.83 20.41
C THR B 268 -18.24 14.79 21.59
N GLY B 269 -17.01 14.33 21.35
CA GLY B 269 -16.04 14.15 22.40
C GLY B 269 -16.34 12.92 23.23
N ARG B 270 -17.39 12.19 22.85
CA ARG B 270 -17.84 11.05 23.64
C ARG B 270 -17.09 9.75 23.34
N THR B 271 -16.92 8.93 24.36
CA THR B 271 -16.26 7.64 24.22
C THR B 271 -17.27 6.60 23.77
N ILE B 272 -16.99 5.95 22.64
CA ILE B 272 -17.85 4.89 22.13
C ILE B 272 -17.61 3.67 22.98
N PHE B 273 -16.34 3.35 23.19
CA PHE B 273 -15.96 2.25 24.07
C PHE B 273 -14.50 2.37 24.44
N GLU B 274 -14.09 1.66 25.47
CA GLU B 274 -12.69 1.66 25.90
C GLU B 274 -12.08 0.27 25.70
N ALA B 275 -10.77 0.22 25.55
CA ALA B 275 -10.09 -1.03 25.27
C ALA B 275 -8.70 -1.00 25.86
N LYS B 276 -8.09 -2.16 25.99
CA LYS B 276 -6.73 -2.24 26.49
C LYS B 276 -5.80 -2.53 25.33
N LEU B 277 -4.90 -1.61 25.06
CA LEU B 277 -3.87 -1.83 24.03
C LEU B 277 -2.60 -2.34 24.71
N HIS B 278 -2.36 -3.64 24.58
CA HIS B 278 -1.24 -4.29 25.26
C HIS B 278 0.08 -3.88 24.63
N ARG B 279 1.13 -3.79 25.42
CA ARG B 279 2.40 -3.27 24.89
C ARG B 279 2.97 -4.12 23.76
N GLN B 280 2.58 -5.40 23.70
CA GLN B 280 3.05 -6.29 22.66
C GLN B 280 2.46 -5.95 21.29
N GLY B 281 1.39 -5.15 21.29
CA GLY B 281 0.82 -4.70 20.05
C GLY B 281 -0.47 -5.41 19.66
N PHE B 282 -1.39 -5.52 20.60
CA PHE B 282 -2.74 -5.99 20.29
C PHE B 282 -3.74 -5.42 21.27
N ILE B 283 -5.01 -5.43 20.89
CA ILE B 283 -6.07 -4.83 21.69
C ILE B 283 -6.99 -5.91 22.30
N THR B 284 -7.34 -5.76 23.58
CA THR B 284 -8.46 -6.55 24.13
C THR B 284 -9.58 -5.64 24.61
N ILE B 285 -10.82 -6.15 24.53
CA ILE B 285 -12.00 -5.45 25.01
C ILE B 285 -12.84 -6.40 25.87
N ALA B 286 -13.77 -5.86 26.65
CA ALA B 286 -14.67 -6.70 27.44
C ALA B 286 -15.88 -7.07 26.59
N ALA B 287 -15.87 -8.30 26.09
CA ALA B 287 -16.91 -8.75 25.19
C ALA B 287 -16.94 -10.27 25.17
N THR B 288 -18.07 -10.83 24.75
CA THR B 288 -18.20 -12.27 24.57
C THR B 288 -18.88 -12.55 23.25
N GLY B 289 -18.37 -13.55 22.53
CA GLY B 289 -18.95 -13.95 21.27
C GLY B 289 -18.25 -13.35 20.06
N SER B 290 -18.60 -13.84 18.87
CA SER B 290 -18.02 -13.37 17.62
C SER B 290 -18.92 -12.31 17.00
N ASN B 291 -18.56 -11.04 17.13
CA ASN B 291 -19.38 -9.96 16.57
C ASN B 291 -18.54 -8.87 15.91
N PRO B 292 -19.11 -8.15 14.94
CA PRO B 292 -18.48 -6.89 14.54
C PRO B 292 -18.61 -5.91 15.70
N VAL B 293 -17.71 -4.95 15.78
CA VAL B 293 -17.84 -3.87 16.76
C VAL B 293 -18.11 -2.57 15.99
N VAL B 294 -19.32 -2.05 16.13
CA VAL B 294 -19.79 -0.92 15.34
C VAL B 294 -19.24 0.41 15.84
N VAL B 295 -18.68 1.19 14.93
CA VAL B 295 -18.10 2.47 15.29
C VAL B 295 -18.50 3.56 14.31
N PRO B 296 -18.62 4.80 14.81
CA PRO B 296 -18.88 5.92 13.91
C PRO B 296 -17.73 6.06 12.94
N PRO B 297 -18.03 6.32 11.65
CA PRO B 297 -17.03 6.42 10.58
C PRO B 297 -15.97 7.48 10.87
N ASN B 298 -16.29 8.43 11.73
CA ASN B 298 -15.39 9.55 11.98
C ASN B 298 -14.61 9.39 13.28
N GLY B 299 -14.84 8.29 13.98
CA GLY B 299 -14.17 8.05 15.26
C GLY B 299 -12.80 7.43 15.11
N TYR B 300 -12.03 7.41 16.20
CA TYR B 300 -10.72 6.76 16.19
C TYR B 300 -10.26 6.55 17.61
N PHE B 301 -9.34 5.62 17.80
CA PHE B 301 -8.76 5.37 19.11
C PHE B 301 -7.91 6.54 19.58
N ARG B 302 -8.04 6.86 20.87
CA ARG B 302 -7.16 7.85 21.49
C ARG B 302 -6.53 7.23 22.72
N PHE B 303 -5.24 7.50 22.91
CA PHE B 303 -4.55 7.08 24.11
C PHE B 303 -5.12 7.81 25.32
N ASP B 304 -5.46 7.07 26.35
CA ASP B 304 -5.98 7.69 27.55
C ASP B 304 -4.96 7.72 28.68
N SER B 305 -4.41 6.56 29.01
CA SER B 305 -3.49 6.49 30.13
C SER B 305 -2.87 5.11 30.21
N TRP B 306 -1.74 5.00 30.91
CA TRP B 306 -1.11 3.71 31.16
C TRP B 306 -1.76 3.07 32.37
N VAL B 307 -2.26 1.84 32.20
CA VAL B 307 -2.92 1.14 33.29
C VAL B 307 -2.23 -0.19 33.47
N ASN B 308 -2.90 -1.17 34.07
CA ASN B 308 -2.27 -2.49 34.15
C ASN B 308 -3.21 -3.59 33.66
N GLN B 309 -2.75 -4.83 33.70
CA GLN B 309 -3.50 -5.93 33.15
C GLN B 309 -4.83 -6.21 33.87
N PHE B 310 -5.03 -5.60 35.04
CA PHE B 310 -6.26 -5.84 35.79
C PHE B 310 -7.32 -4.74 35.66
N TYR B 311 -7.02 -3.71 34.89
CA TYR B 311 -8.00 -2.67 34.67
C TYR B 311 -9.27 -3.32 34.16
N ALA B 312 -10.39 -3.05 34.82
CA ALA B 312 -11.65 -3.66 34.46
C ALA B 312 -12.38 -2.82 33.42
N LEU B 313 -12.54 -3.37 32.22
CA LEU B 313 -13.14 -2.64 31.11
C LEU B 313 -14.66 -2.65 31.22
N ALA B 314 -15.27 -1.55 30.79
CA ALA B 314 -16.72 -1.53 30.67
C ALA B 314 -17.08 -2.41 29.50
N PRO B 315 -18.01 -3.35 29.72
CA PRO B 315 -18.46 -4.30 28.69
C PRO B 315 -19.10 -3.57 27.50
N MET B 316 -19.11 -4.23 26.34
CA MET B 316 -19.64 -3.61 25.13
C MET B 316 -21.10 -4.01 24.91
C1 NAG C . -8.21 1.50 -32.66
C2 NAG C . -7.29 1.78 -31.48
C3 NAG C . -7.78 2.86 -30.62
C4 NAG C . -8.12 4.04 -31.33
C5 NAG C . -9.02 3.77 -32.53
C6 NAG C . -9.20 4.96 -33.38
C7 NAG C . -5.70 -0.02 -30.52
C8 NAG C . -5.53 -1.25 -29.74
N2 NAG C . -7.08 0.52 -30.71
O1 NAG C . -7.54 0.61 -33.54
O3 NAG C . -6.74 3.15 -29.58
O4 NAG C . -8.78 5.02 -30.46
O5 NAG C . -8.55 2.64 -33.36
O6 NAG C . -8.15 5.29 -34.24
O7 NAG C . -4.73 0.55 -30.99
C1 GAL C . -7.14 2.75 -28.29
C2 GAL C . -5.98 2.95 -27.31
C3 GAL C . -6.38 2.90 -25.88
C4 GAL C . -7.65 3.53 -25.59
C5 GAL C . -8.71 3.13 -26.56
C6 GAL C . -10.00 3.76 -26.30
O2 GAL C . -4.98 2.01 -27.58
O3 GAL C . -5.36 3.52 -25.05
O4 GAL C . -7.47 4.92 -25.65
O5 GAL C . -8.30 3.45 -27.94
O6 GAL C . -11.10 3.30 -27.08
C1 FUC C . -8.37 6.34 -30.71
C2 FUC C . -9.30 7.32 -29.98
C3 FUC C . -9.17 7.21 -28.52
C4 FUC C . -7.81 7.33 -28.10
C5 FUC C . -6.85 6.42 -28.88
C6 FUC C . -5.45 6.72 -28.55
O2 FUC C . -10.63 7.08 -30.36
O3 FUC C . -9.98 8.19 -27.83
O4 FUC C . -7.40 8.71 -28.20
O5 FUC C . -7.03 6.50 -30.33
C1 NDG D . -4.25 -32.84 -6.38
C2 NDG D . -4.42 -31.61 -5.48
C3 NDG D . -3.25 -31.38 -4.62
C4 NDG D . -2.84 -32.54 -3.93
C5 NDG D . -2.74 -33.78 -4.82
C6 NDG D . -2.49 -35.02 -4.04
C7 NDG D . -6.03 -29.79 -6.31
C8 NDG D . -6.30 -28.62 -7.15
O5 NDG D . -3.93 -33.98 -5.65
O3 NDG D . -3.57 -30.25 -3.67
O4 NDG D . -1.53 -32.28 -3.31
O6 NDG D . -3.39 -35.28 -3.02
O7 NDG D . -6.89 -30.26 -5.58
N2 NDG D . -4.68 -30.42 -6.34
O1 NDG D . -3.22 -32.59 -7.30
C1 GAL D . -2.90 -29.05 -3.99
C2 GAL D . -3.45 -27.91 -3.14
C3 GAL D . -2.61 -26.69 -3.17
C4 GAL D . -1.19 -26.95 -3.02
C5 GAL D . -0.74 -28.01 -3.98
C6 GAL D . 0.70 -28.30 -3.87
O2 GAL D . -4.74 -27.63 -3.56
O3 GAL D . -3.07 -25.73 -2.21
O4 GAL D . -0.89 -27.34 -1.70
O5 GAL D . -1.52 -29.25 -3.78
O6 GAL D . 1.27 -29.21 -4.81
C1 FUC D . -1.42 -32.87 -2.04
C2 FUC D . 0.05 -32.98 -1.67
C3 FUC D . 0.64 -31.66 -1.55
C4 FUC D . -0.02 -30.89 -0.57
C5 FUC D . -1.53 -30.81 -0.78
C6 FUC D . -2.16 -30.31 0.44
O2 FUC D . 0.74 -33.74 -2.61
O3 FUC D . 2.03 -31.82 -1.16
O4 FUC D . 0.23 -31.53 0.69
O5 FUC D . -2.14 -32.11 -1.11
#